data_6WG1
#
_entry.id   6WG1
#
_cell.length_a   62.968
_cell.length_b   85.901
_cell.length_c   89.461
_cell.angle_alpha   90.00
_cell.angle_beta   100.27
_cell.angle_gamma   90.00
#
_symmetry.space_group_name_H-M   'P 1 21 1'
#
loop_
_entity.id
_entity.type
_entity.pdbx_description
1 polymer 'Fab399 heavy chain'
2 polymer 'Fab399 light chain'
3 polymer 'NPNA6 peptide'
4 water water
#
loop_
_entity_poly.entity_id
_entity_poly.type
_entity_poly.pdbx_seq_one_letter_code
_entity_poly.pdbx_strand_id
1 'polypeptide(L)'
;EVQLVESGGGLVQPGRSLRLSCTTSGFTFGDYAMSWFRQAPGKGLEWVGFIRSKGFGGTAEYAAFVKGRFTISRDDSRSI
AYLQMTSLKPEDTAVYYCSRVGVVIATAVYWGQGTLVTVSSASTKGPSVFPLAPSSKSTSGGTAALGCLVKDYFPEPVTV
SWNSGALTSGVHTFPAVLQSSGLYSLSSVVTVPSSSLGTQTYICNVNHKPSNTKVDKKVEPKSC
;
A,H
2 'polypeptide(L)'
;DILMTQTPLSLSVTPGQPASISCKSSQSLLDNDGKTYLYWYLQKPGQSPQLLIYEVSNRFSGVPERFSGSGSGTDFTLKI
RRVEAEDVGVYYCMQRIDLPWTFGQGTKVEIKRTVAAPSVFIFPPSDEQLKSGTASVVCLLNNFYPREAKVQWKVDNALQ
SGNSQESVTEQDSKDSTYSLSSTLTLSKADYEKHKVYACEVTHQGLSSPVTKSFNRGEC
;
B,L
3 'polypeptide(L)' (ACE)NPNANPNANPNANPNANPNANPNA(NH2) C
#
loop_
_chem_comp.id
_chem_comp.type
_chem_comp.name
_chem_comp.formula
ACE non-polymer 'ACETYL GROUP' 'C2 H4 O'
NH2 non-polymer 'AMINO GROUP' 'H2 N'
#
# COMPACT_ATOMS: atom_id res chain seq x y z
N GLU A 1 4.15 -3.00 -3.03
CA GLU A 1 4.84 -3.60 -1.89
C GLU A 1 5.25 -2.53 -0.88
N VAL A 2 5.13 -2.86 0.41
CA VAL A 2 5.49 -1.93 1.48
C VAL A 2 7.01 -1.86 1.59
N GLN A 3 7.56 -0.66 1.49
CA GLN A 3 9.00 -0.47 1.60
C GLN A 3 9.28 0.60 2.63
N LEU A 4 10.27 0.34 3.50
CA LEU A 4 10.78 1.29 4.47
C LEU A 4 12.30 1.24 4.42
N VAL A 5 12.94 2.41 4.31
CA VAL A 5 14.39 2.50 4.18
C VAL A 5 14.90 3.50 5.19
N GLU A 6 15.75 3.03 6.11
CA GLU A 6 16.42 3.88 7.10
C GLU A 6 17.71 4.44 6.53
N SER A 7 18.01 5.67 6.93
CA SER A 7 19.24 6.31 6.49
C SER A 7 19.64 7.36 7.52
N GLY A 8 20.86 7.85 7.38
CA GLY A 8 21.41 8.86 8.25
C GLY A 8 22.43 8.35 9.24
N GLY A 9 22.49 7.05 9.47
CA GLY A 9 23.38 6.49 10.47
C GLY A 9 24.84 6.62 10.09
N GLY A 10 25.69 6.38 11.09
CA GLY A 10 27.13 6.52 10.88
C GLY A 10 27.84 6.78 12.20
N LEU A 11 29.05 7.30 12.09
CA LEU A 11 29.90 7.58 13.23
C LEU A 11 29.58 8.98 13.77
N VAL A 12 29.23 9.05 15.05
CA VAL A 12 28.87 10.30 15.73
C VAL A 12 29.64 10.38 17.04
N GLN A 13 30.19 11.56 17.33
CA GLN A 13 30.92 11.78 18.58
C GLN A 13 29.94 12.01 19.73
N PRO A 14 30.30 11.56 20.94
CA PRO A 14 29.38 11.71 22.08
C PRO A 14 29.03 13.16 22.32
N GLY A 15 27.78 13.39 22.70
CA GLY A 15 27.27 14.73 22.93
C GLY A 15 26.72 15.42 21.69
N ARG A 16 26.99 14.88 20.51
CA ARG A 16 26.52 15.51 19.27
C ARG A 16 25.14 14.97 18.89
N SER A 17 24.61 15.50 17.81
CA SER A 17 23.27 15.19 17.34
C SER A 17 23.34 14.43 16.03
N LEU A 18 22.25 13.72 15.71
CA LEU A 18 22.14 12.96 14.47
C LEU A 18 20.67 12.70 14.18
N ARG A 19 20.29 12.87 12.92
CA ARG A 19 18.91 12.65 12.49
C ARG A 19 18.84 11.43 11.57
N LEU A 20 17.93 10.53 11.88
CA LEU A 20 17.67 9.37 11.04
C LEU A 20 16.35 9.57 10.29
N SER A 21 16.33 9.11 9.04
CA SER A 21 15.12 9.15 8.22
C SER A 21 14.63 7.73 7.95
N CYS A 22 13.31 7.63 7.82
CA CYS A 22 12.61 6.43 7.41
C CYS A 22 11.84 6.84 6.15
N THR A 23 12.38 6.53 4.98
CA THR A 23 11.74 6.89 3.73
C THR A 23 10.86 5.72 3.29
N THR A 24 9.60 6.01 3.00
CA THR A 24 8.61 4.97 2.80
C THR A 24 7.98 5.08 1.41
N SER A 25 7.46 3.95 0.94
CA SER A 25 6.71 3.91 -0.31
C SER A 25 5.80 2.71 -0.27
N GLY A 26 4.76 2.75 -1.11
CA GLY A 26 3.84 1.64 -1.23
C GLY A 26 2.63 1.68 -0.33
N PHE A 27 2.39 2.79 0.36
CA PHE A 27 1.20 2.93 1.19
C PHE A 27 0.99 4.41 1.49
N THR A 28 -0.24 4.74 1.87
CA THR A 28 -0.58 6.09 2.29
C THR A 28 0.07 6.35 3.65
N PHE A 29 1.25 6.99 3.63
CA PHE A 29 2.08 7.11 4.82
C PHE A 29 1.33 7.76 5.98
N GLY A 30 0.50 8.76 5.68
CA GLY A 30 -0.20 9.50 6.71
C GLY A 30 -1.16 8.68 7.55
N ASP A 31 -1.65 7.56 7.02
CA ASP A 31 -2.64 6.76 7.74
C ASP A 31 -2.04 5.89 8.84
N TYR A 32 -0.72 5.79 8.94
CA TYR A 32 -0.09 4.79 9.80
C TYR A 32 0.74 5.43 10.91
N ALA A 33 0.66 4.85 12.10
CA ALA A 33 1.65 5.14 13.12
C ALA A 33 2.98 4.51 12.71
N MET A 34 4.08 5.24 12.98
CA MET A 34 5.43 4.79 12.69
C MET A 34 6.21 4.61 13.98
N SER A 35 6.98 3.53 14.09
CA SER A 35 7.70 3.22 15.32
C SER A 35 9.19 3.00 15.04
N TRP A 36 10.02 3.40 16.01
CA TRP A 36 11.46 3.22 15.94
C TRP A 36 11.90 2.21 17.00
N PHE A 37 12.83 1.34 16.61
CA PHE A 37 13.44 0.35 17.49
C PHE A 37 14.94 0.43 17.34
N ARG A 38 15.67 -0.20 18.26
CA ARG A 38 17.11 -0.25 18.13
C ARG A 38 17.62 -1.57 18.69
N GLN A 39 18.83 -1.95 18.26
CA GLN A 39 19.45 -3.20 18.69
C GLN A 39 20.95 -2.96 18.82
N ALA A 40 21.44 -2.95 20.05
CA ALA A 40 22.88 -2.82 20.27
C ALA A 40 23.59 -4.05 19.74
N PRO A 41 24.85 -3.91 19.29
CA PRO A 41 25.55 -5.06 18.71
C PRO A 41 25.55 -6.25 19.65
N GLY A 42 24.95 -7.36 19.21
CA GLY A 42 24.87 -8.57 20.00
C GLY A 42 23.78 -8.60 21.06
N LYS A 43 22.93 -7.58 21.15
CA LYS A 43 21.92 -7.52 22.19
C LYS A 43 20.54 -7.80 21.59
N GLY A 44 19.51 -7.68 22.42
CA GLY A 44 18.14 -7.91 21.98
C GLY A 44 17.52 -6.66 21.36
N LEU A 45 16.23 -6.77 21.08
CA LEU A 45 15.46 -5.67 20.50
C LEU A 45 14.95 -4.74 21.60
N GLU A 46 14.91 -3.44 21.27
CA GLU A 46 14.52 -2.41 22.22
C GLU A 46 13.64 -1.39 21.51
N TRP A 47 12.47 -1.12 22.10
CA TRP A 47 11.60 -0.08 21.60
C TRP A 47 12.15 1.29 21.96
N VAL A 48 12.12 2.19 20.98
CA VAL A 48 12.63 3.56 21.13
C VAL A 48 11.48 4.57 21.21
N GLY A 49 10.51 4.44 20.31
CA GLY A 49 9.38 5.35 20.31
C GLY A 49 8.47 5.12 19.11
N PHE A 50 7.35 5.83 19.13
CA PHE A 50 6.47 5.83 17.96
C PHE A 50 5.74 7.16 17.86
N ILE A 51 5.23 7.45 16.67
CA ILE A 51 4.43 8.64 16.45
C ILE A 51 3.13 8.21 15.79
N ARG A 52 2.00 8.70 16.30
CA ARG A 52 0.69 8.32 15.81
C ARG A 52 0.35 9.06 14.51
N SER A 53 -0.59 8.49 13.76
CA SER A 53 -1.16 9.21 12.63
C SER A 53 -1.79 10.52 13.11
N LYS A 54 -1.74 11.54 12.26
CA LYS A 54 -2.40 12.79 12.62
C LYS A 54 -3.91 12.60 12.76
N GLY A 55 -4.46 11.53 12.19
CA GLY A 55 -5.86 11.18 12.44
C GLY A 55 -6.17 10.93 13.91
N PHE A 56 -5.16 10.69 14.74
CA PHE A 56 -5.34 10.47 16.18
C PHE A 56 -4.51 11.46 16.99
N GLY A 57 -4.24 12.64 16.43
CA GLY A 57 -3.53 13.69 17.13
C GLY A 57 -2.06 13.81 16.77
N GLY A 58 -1.48 12.82 16.10
CA GLY A 58 -0.11 12.92 15.63
C GLY A 58 0.95 13.01 16.69
N THR A 59 0.66 12.60 17.92
CA THR A 59 1.63 12.74 19.00
C THR A 59 2.52 11.49 19.09
N ALA A 60 3.61 11.62 19.84
CA ALA A 60 4.63 10.58 19.94
C ALA A 60 4.80 10.12 21.38
N GLU A 61 5.30 8.89 21.52
CA GLU A 61 5.66 8.30 22.81
C GLU A 61 7.09 7.78 22.73
N TYR A 62 7.74 7.68 23.89
CA TYR A 62 9.17 7.43 23.92
C TYR A 62 9.54 6.48 25.06
N ALA A 63 10.64 5.76 24.87
CA ALA A 63 11.18 4.94 25.94
C ALA A 63 11.85 5.82 27.01
N ALA A 64 12.11 5.23 28.18
CA ALA A 64 12.65 5.99 29.30
C ALA A 64 14.06 6.48 29.01
N PHE A 65 14.93 5.61 28.51
CA PHE A 65 16.32 5.97 28.27
C PHE A 65 16.49 7.09 27.25
N VAL A 66 15.42 7.52 26.61
CA VAL A 66 15.50 8.19 25.33
C VAL A 66 14.90 9.58 25.36
N LYS A 67 14.41 10.03 26.52
CA LYS A 67 13.52 11.17 26.50
C LYS A 67 14.20 12.43 27.02
N GLY A 68 13.73 13.54 26.50
CA GLY A 68 14.44 14.81 26.52
C GLY A 68 15.30 14.91 25.28
N ARG A 69 15.97 13.82 24.92
CA ARG A 69 17.02 13.87 23.89
C ARG A 69 16.49 13.62 22.48
N PHE A 70 15.53 12.72 22.31
CA PHE A 70 15.08 12.29 20.99
C PHE A 70 13.69 12.83 20.69
N THR A 71 13.48 13.22 19.43
CA THR A 71 12.18 13.70 18.96
C THR A 71 11.83 12.94 17.70
N ILE A 72 10.66 12.30 17.70
CA ILE A 72 10.18 11.60 16.52
C ILE A 72 9.20 12.53 15.81
N SER A 73 9.37 12.67 14.50
CA SER A 73 8.57 13.58 13.70
C SER A 73 8.20 12.87 12.40
N ARG A 74 7.26 13.46 11.66
CA ARG A 74 6.74 12.85 10.43
C ARG A 74 6.41 13.92 9.40
N ASP A 75 6.75 13.64 8.15
CA ASP A 75 6.44 14.52 7.02
C ASP A 75 5.47 13.76 6.13
N ASP A 76 4.18 14.05 6.28
CA ASP A 76 3.14 13.25 5.63
C ASP A 76 3.10 13.51 4.12
N SER A 77 3.52 14.69 3.68
CA SER A 77 3.57 14.98 2.25
C SER A 77 4.70 14.23 1.56
N ARG A 78 5.86 14.11 2.21
CA ARG A 78 6.99 13.39 1.64
C ARG A 78 7.02 11.90 2.00
N SER A 79 6.17 11.46 2.92
CA SER A 79 6.09 10.06 3.37
C SER A 79 7.37 9.63 4.09
N ILE A 80 7.90 10.50 4.94
CA ILE A 80 9.13 10.27 5.68
C ILE A 80 8.87 10.46 7.16
N ALA A 81 9.29 9.50 7.97
CA ALA A 81 9.31 9.64 9.42
C ALA A 81 10.74 9.92 9.88
N TYR A 82 10.87 10.61 11.01
CA TYR A 82 12.18 11.07 11.48
C TYR A 82 12.45 10.59 12.90
N LEU A 83 13.73 10.30 13.18
CA LEU A 83 14.22 10.13 14.55
C LEU A 83 15.33 11.16 14.76
N GLN A 84 15.04 12.23 15.48
CA GLN A 84 16.04 13.23 15.78
C GLN A 84 16.66 12.91 17.14
N MET A 85 17.96 12.62 17.14
CA MET A 85 18.69 12.29 18.36
C MET A 85 19.60 13.44 18.75
N THR A 86 19.72 13.68 20.06
CA THR A 86 20.61 14.71 20.58
C THR A 86 21.37 14.14 21.76
N SER A 87 22.47 14.80 22.12
CA SER A 87 23.36 14.39 23.22
C SER A 87 23.54 12.87 23.26
N LEU A 88 24.09 12.34 22.18
CA LEU A 88 24.25 10.90 22.07
C LEU A 88 25.35 10.40 23.01
N LYS A 89 25.16 9.20 23.54
CA LYS A 89 26.11 8.55 24.41
C LYS A 89 26.60 7.26 23.78
N PRO A 90 27.80 6.78 24.14
CA PRO A 90 28.27 5.49 23.59
C PRO A 90 27.26 4.37 23.72
N GLU A 91 26.49 4.34 24.82
CA GLU A 91 25.44 3.36 25.05
C GLU A 91 24.31 3.43 24.02
N ASP A 92 24.24 4.50 23.22
CA ASP A 92 23.25 4.62 22.16
C ASP A 92 23.68 3.93 20.87
N THR A 93 24.89 3.38 20.82
CA THR A 93 25.36 2.66 19.65
C THR A 93 24.43 1.50 19.34
N ALA A 94 23.89 1.46 18.12
CA ALA A 94 22.91 0.44 17.78
C ALA A 94 22.59 0.52 16.30
N VAL A 95 22.04 -0.57 15.78
CA VAL A 95 21.26 -0.50 14.55
C VAL A 95 19.88 0.03 14.90
N TYR A 96 19.44 1.07 14.21
CA TYR A 96 18.13 1.65 14.45
C TYR A 96 17.18 1.23 13.34
N TYR A 97 16.00 0.73 13.73
CA TYR A 97 14.98 0.25 12.80
C TYR A 97 13.76 1.14 12.87
N CYS A 98 13.16 1.40 11.70
CA CYS A 98 11.85 2.03 11.64
C CYS A 98 10.84 0.97 11.22
N SER A 99 9.59 1.14 11.63
CA SER A 99 8.60 0.11 11.37
C SER A 99 7.21 0.70 11.19
N ARG A 100 6.47 0.15 10.23
CA ARG A 100 5.08 0.55 10.02
C ARG A 100 4.19 -0.23 10.97
N VAL A 101 3.46 0.49 11.83
CA VAL A 101 2.53 -0.12 12.76
C VAL A 101 1.19 -0.35 12.07
N GLY A 102 0.67 -1.57 12.14
CA GLY A 102 -0.56 -1.91 11.44
C GLY A 102 -1.79 -1.40 12.18
N VAL A 103 -2.95 -1.61 11.55
CA VAL A 103 -4.23 -1.28 12.16
C VAL A 103 -4.95 -2.53 12.66
N VAL A 104 -5.16 -3.54 11.80
CA VAL A 104 -5.61 -4.83 12.31
C VAL A 104 -4.61 -5.36 13.31
N ILE A 105 -3.35 -5.41 12.92
CA ILE A 105 -2.27 -5.91 13.77
C ILE A 105 -1.56 -4.67 14.28
N ALA A 106 -1.94 -4.22 15.47
CA ALA A 106 -1.51 -2.94 16.01
C ALA A 106 -0.14 -3.07 16.71
N THR A 107 0.83 -3.56 15.95
CA THR A 107 2.22 -3.57 16.39
C THR A 107 3.10 -3.27 15.19
N ALA A 108 4.41 -3.22 15.43
CA ALA A 108 5.39 -3.05 14.37
C ALA A 108 5.34 -4.25 13.42
N VAL A 109 4.90 -4.05 12.18
CA VAL A 109 4.72 -5.21 11.30
C VAL A 109 5.81 -5.27 10.25
N TYR A 110 5.97 -4.21 9.48
CA TYR A 110 6.98 -4.16 8.44
C TYR A 110 8.14 -3.33 8.96
N TRP A 111 9.35 -3.86 8.83
CA TRP A 111 10.56 -3.22 9.32
C TRP A 111 11.49 -2.90 8.15
N GLY A 112 12.21 -1.80 8.26
CA GLY A 112 13.29 -1.52 7.34
C GLY A 112 14.48 -2.42 7.62
N GLN A 113 15.53 -2.25 6.81
CA GLN A 113 16.78 -2.99 7.00
C GLN A 113 17.60 -2.49 8.18
N GLY A 114 17.32 -1.29 8.68
CA GLY A 114 18.07 -0.73 9.80
C GLY A 114 19.25 0.10 9.34
N THR A 115 19.69 1.00 10.22
CA THR A 115 20.85 1.85 9.97
C THR A 115 21.74 1.86 11.20
N LEU A 116 23.02 1.57 11.00
CA LEU A 116 23.97 1.47 12.12
C LEU A 116 24.41 2.86 12.56
N VAL A 117 24.19 3.17 13.84
CA VAL A 117 24.65 4.40 14.48
C VAL A 117 25.73 4.02 15.49
N THR A 118 26.93 4.58 15.32
CA THR A 118 28.06 4.32 16.21
C THR A 118 28.45 5.61 16.92
N VAL A 119 28.26 5.65 18.24
CA VAL A 119 28.61 6.81 19.04
C VAL A 119 29.94 6.51 19.72
N SER A 120 30.98 7.25 19.34
CA SER A 120 32.30 6.96 19.87
C SER A 120 33.22 8.15 19.64
N SER A 121 34.20 8.30 20.54
CA SER A 121 35.23 9.32 20.39
C SER A 121 36.23 8.99 19.29
N ALA A 122 36.40 7.71 18.98
CA ALA A 122 37.49 7.28 18.11
C ALA A 122 37.31 7.79 16.68
N SER A 123 38.44 7.91 15.97
CA SER A 123 38.45 8.38 14.58
C SER A 123 38.26 7.22 13.61
N THR A 124 37.76 7.54 12.42
CA THR A 124 37.66 6.54 11.38
C THR A 124 39.05 6.06 10.99
N LYS A 125 39.20 4.76 10.78
CA LYS A 125 40.49 4.20 10.44
C LYS A 125 40.26 3.02 9.50
N GLY A 126 40.96 3.02 8.37
CA GLY A 126 40.91 1.89 7.47
C GLY A 126 41.68 0.72 8.04
N PRO A 127 41.37 -0.49 7.57
CA PRO A 127 42.04 -1.68 8.08
C PRO A 127 43.36 -1.97 7.38
N SER A 128 44.20 -2.72 8.08
CA SER A 128 45.36 -3.37 7.48
C SER A 128 45.01 -4.82 7.18
N VAL A 129 45.31 -5.27 5.97
CA VAL A 129 44.97 -6.62 5.52
C VAL A 129 46.25 -7.42 5.42
N PHE A 130 46.33 -8.50 6.19
CA PHE A 130 47.46 -9.41 6.14
C PHE A 130 47.01 -10.78 5.66
N PRO A 131 47.86 -11.50 4.93
CA PRO A 131 47.49 -12.83 4.46
C PRO A 131 47.63 -13.88 5.55
N LEU A 132 46.75 -14.88 5.49
CA LEU A 132 46.86 -16.11 6.27
C LEU A 132 47.24 -17.18 5.26
N ALA A 133 48.55 -17.39 5.08
CA ALA A 133 49.07 -18.23 4.02
C ALA A 133 48.92 -19.71 4.35
N PRO A 134 48.52 -20.55 3.38
CA PRO A 134 48.35 -21.99 3.57
C PRO A 134 49.68 -22.75 3.57
N GLY A 142 43.38 -33.24 2.06
CA GLY A 142 43.28 -32.93 0.65
C GLY A 142 42.67 -31.58 0.35
N THR A 143 42.46 -30.79 1.41
CA THR A 143 41.89 -29.46 1.28
C THR A 143 42.66 -28.49 2.17
N ALA A 144 43.09 -27.38 1.58
CA ALA A 144 43.91 -26.40 2.27
C ALA A 144 43.08 -25.18 2.68
N ALA A 145 43.47 -24.57 3.79
CA ALA A 145 42.79 -23.38 4.30
C ALA A 145 43.71 -22.17 4.18
N LEU A 146 43.15 -21.06 3.71
CA LEU A 146 43.86 -19.80 3.61
C LEU A 146 42.88 -18.68 3.94
N GLY A 147 43.39 -17.47 4.11
CA GLY A 147 42.50 -16.39 4.47
C GLY A 147 43.19 -15.05 4.47
N CYS A 148 42.43 -14.05 4.89
CA CYS A 148 42.94 -12.69 5.07
C CYS A 148 42.53 -12.19 6.43
N LEU A 149 43.49 -11.57 7.12
CA LEU A 149 43.27 -10.97 8.42
C LEU A 149 43.05 -9.47 8.20
N VAL A 150 41.91 -8.96 8.67
CA VAL A 150 41.52 -7.57 8.44
C VAL A 150 41.58 -6.87 9.80
N LYS A 151 42.70 -6.21 10.08
CA LYS A 151 43.04 -5.78 11.44
C LYS A 151 42.95 -4.27 11.61
N ASP A 152 42.38 -3.85 12.73
CA ASP A 152 42.46 -2.47 13.24
C ASP A 152 41.65 -1.49 12.40
N TYR A 153 40.34 -1.69 12.28
CA TYR A 153 39.52 -0.74 11.56
C TYR A 153 38.42 -0.20 12.47
N PHE A 154 37.86 0.92 12.05
CA PHE A 154 36.80 1.57 12.80
C PHE A 154 36.12 2.61 11.91
N PRO A 155 34.78 2.74 11.97
CA PRO A 155 33.89 1.82 12.68
C PRO A 155 33.51 0.63 11.79
N GLU A 156 32.46 -0.10 12.17
CA GLU A 156 31.89 -1.11 11.29
C GLU A 156 31.11 -0.43 10.16
N PRO A 157 30.89 -1.15 9.04
CA PRO A 157 31.35 -2.51 8.74
C PRO A 157 32.40 -2.60 7.64
N VAL A 158 33.00 -3.78 7.52
CA VAL A 158 33.84 -4.12 6.38
C VAL A 158 33.15 -5.25 5.63
N THR A 159 33.45 -5.35 4.34
CA THR A 159 33.02 -6.49 3.56
C THR A 159 34.22 -7.21 3.00
N VAL A 160 34.08 -8.52 2.80
CA VAL A 160 35.13 -9.35 2.23
C VAL A 160 34.51 -10.24 1.18
N SER A 161 35.16 -10.36 0.03
CA SER A 161 34.82 -11.35 -0.98
C SER A 161 36.12 -11.98 -1.47
N TRP A 162 35.99 -13.01 -2.28
CA TRP A 162 37.16 -13.72 -2.80
C TRP A 162 37.04 -13.82 -4.31
N ASN A 163 38.05 -13.32 -5.02
CA ASN A 163 38.10 -13.34 -6.48
C ASN A 163 36.88 -12.65 -7.09
N SER A 164 36.69 -11.39 -6.72
CA SER A 164 35.62 -10.53 -7.23
C SER A 164 34.23 -11.13 -7.01
N GLY A 165 34.08 -12.03 -6.03
CA GLY A 165 32.82 -12.68 -5.78
C GLY A 165 32.61 -13.99 -6.50
N ALA A 166 33.58 -14.44 -7.28
CA ALA A 166 33.44 -15.70 -8.00
C ALA A 166 33.63 -16.90 -7.11
N LEU A 167 34.53 -16.81 -6.12
CA LEU A 167 34.80 -17.90 -5.18
C LEU A 167 33.98 -17.65 -3.91
N THR A 168 32.98 -18.50 -3.68
CA THR A 168 32.04 -18.32 -2.58
C THR A 168 31.95 -19.57 -1.70
N SER A 169 32.21 -20.73 -2.29
CA SER A 169 32.12 -21.98 -1.53
C SER A 169 33.28 -22.09 -0.54
N GLY A 170 32.96 -22.55 0.67
CA GLY A 170 33.94 -22.70 1.71
C GLY A 170 34.44 -21.41 2.34
N VAL A 171 33.86 -20.26 1.97
CA VAL A 171 34.29 -18.99 2.56
C VAL A 171 33.57 -18.79 3.89
N HIS A 172 34.33 -18.40 4.91
CA HIS A 172 33.80 -18.11 6.23
C HIS A 172 34.39 -16.77 6.66
N THR A 173 33.57 -15.73 6.56
CA THR A 173 33.95 -14.40 7.02
C THR A 173 33.40 -14.21 8.42
N PHE A 174 34.28 -14.19 9.40
CA PHE A 174 33.84 -14.18 10.79
C PHE A 174 33.36 -12.80 11.20
N PRO A 175 32.37 -12.73 12.08
CA PRO A 175 31.97 -11.45 12.64
C PRO A 175 33.15 -10.77 13.33
N ALA A 176 33.14 -9.44 13.28
CA ALA A 176 34.20 -8.68 13.91
C ALA A 176 34.17 -8.86 15.41
N VAL A 177 35.33 -8.72 16.04
CA VAL A 177 35.42 -8.63 17.48
C VAL A 177 36.02 -7.27 17.82
N LEU A 178 35.51 -6.65 18.86
CA LEU A 178 36.04 -5.38 19.33
C LEU A 178 37.28 -5.66 20.17
N GLN A 179 38.42 -5.11 19.76
CA GLN A 179 39.66 -5.30 20.49
C GLN A 179 39.75 -4.33 21.66
N SER A 180 40.62 -4.67 22.60
CA SER A 180 40.80 -3.80 23.77
C SER A 180 41.26 -2.40 23.37
N SER A 181 41.81 -2.24 22.17
CA SER A 181 42.23 -0.94 21.66
C SER A 181 41.07 -0.04 21.23
N GLY A 182 39.86 -0.59 21.08
CA GLY A 182 38.75 0.15 20.54
C GLY A 182 38.51 -0.06 19.06
N LEU A 183 39.44 -0.73 18.37
CA LEU A 183 39.34 -1.00 16.95
C LEU A 183 38.83 -2.41 16.70
N TYR A 184 38.14 -2.58 15.58
CA TYR A 184 37.60 -3.89 15.24
C TYR A 184 38.64 -4.70 14.48
N SER A 185 38.38 -6.00 14.40
CA SER A 185 39.26 -6.91 13.69
C SER A 185 38.47 -8.16 13.33
N LEU A 186 38.66 -8.65 12.11
CA LEU A 186 38.07 -9.93 11.72
C LEU A 186 39.02 -10.63 10.76
N SER A 187 38.73 -11.90 10.49
CA SER A 187 39.41 -12.67 9.47
C SER A 187 38.36 -13.29 8.54
N SER A 188 38.78 -13.53 7.31
CA SER A 188 37.97 -14.25 6.34
C SER A 188 38.80 -15.41 5.82
N VAL A 189 38.26 -16.63 5.87
CA VAL A 189 38.98 -17.82 5.46
C VAL A 189 38.18 -18.53 4.37
N VAL A 190 38.87 -19.40 3.65
CA VAL A 190 38.29 -20.22 2.60
C VAL A 190 39.09 -21.51 2.51
N THR A 191 38.38 -22.61 2.29
CA THR A 191 39.00 -23.91 2.05
C THR A 191 39.00 -24.19 0.55
N VAL A 192 40.13 -24.70 0.06
CA VAL A 192 40.32 -24.96 -1.37
C VAL A 192 41.03 -26.30 -1.52
N PRO A 193 40.88 -26.95 -2.67
CA PRO A 193 41.67 -28.16 -2.94
C PRO A 193 43.16 -27.85 -3.06
N SER A 194 43.98 -28.64 -2.37
CA SER A 194 45.43 -28.46 -2.41
C SER A 194 45.99 -28.53 -3.82
N SER A 195 45.30 -29.20 -4.75
CA SER A 195 45.76 -29.27 -6.13
C SER A 195 45.76 -27.90 -6.81
N SER A 196 45.06 -26.92 -6.24
CA SER A 196 44.95 -25.59 -6.85
C SER A 196 46.04 -24.63 -6.38
N LEU A 197 46.62 -24.85 -5.20
CA LEU A 197 47.68 -23.98 -4.71
C LEU A 197 48.83 -23.97 -5.69
N GLY A 198 49.25 -22.77 -6.10
CA GLY A 198 50.36 -22.61 -7.01
C GLY A 198 49.96 -22.28 -8.44
N THR A 199 48.77 -22.70 -8.86
CA THR A 199 48.26 -22.37 -10.19
C THR A 199 47.02 -21.49 -10.18
N GLN A 200 46.17 -21.59 -9.16
CA GLN A 200 44.97 -20.77 -9.03
C GLN A 200 45.25 -19.56 -8.15
N THR A 201 44.79 -18.40 -8.59
CA THR A 201 44.99 -17.12 -7.90
C THR A 201 43.86 -16.88 -6.91
N TYR A 202 44.21 -16.62 -5.66
CA TYR A 202 43.23 -16.35 -4.60
C TYR A 202 43.47 -14.95 -4.05
N ILE A 203 42.44 -14.11 -4.13
CA ILE A 203 42.54 -12.70 -3.73
C ILE A 203 41.38 -12.39 -2.81
N CYS A 204 41.66 -11.78 -1.66
CA CYS A 204 40.59 -11.25 -0.82
C CYS A 204 40.36 -9.79 -1.17
N ASN A 205 39.08 -9.41 -1.23
CA ASN A 205 38.62 -8.08 -1.61
C ASN A 205 38.03 -7.46 -0.34
N VAL A 206 38.77 -6.55 0.27
CA VAL A 206 38.37 -5.91 1.52
C VAL A 206 37.88 -4.52 1.20
N ASN A 207 36.67 -4.20 1.67
CA ASN A 207 36.08 -2.89 1.44
C ASN A 207 35.66 -2.31 2.78
N HIS A 208 36.18 -1.12 3.10
CA HIS A 208 35.80 -0.37 4.29
C HIS A 208 35.22 0.96 3.79
N LYS A 209 33.92 0.97 3.54
CA LYS A 209 33.27 2.20 3.07
C LYS A 209 33.43 3.38 4.02
N PRO A 210 33.38 3.23 5.36
CA PRO A 210 33.58 4.41 6.22
C PRO A 210 34.90 5.14 6.00
N SER A 211 35.94 4.45 5.54
CA SER A 211 37.23 5.07 5.26
C SER A 211 37.56 5.12 3.78
N ASN A 212 36.64 4.70 2.91
CA ASN A 212 36.89 4.57 1.47
C ASN A 212 38.19 3.82 1.20
N THR A 213 38.32 2.67 1.83
CA THR A 213 39.49 1.82 1.71
C THR A 213 39.11 0.57 0.92
N LYS A 214 39.79 0.35 -0.20
CA LYS A 214 39.65 -0.86 -1.01
C LYS A 214 41.00 -1.56 -1.01
N VAL A 215 41.03 -2.80 -0.56
CA VAL A 215 42.23 -3.61 -0.60
C VAL A 215 41.87 -4.91 -1.32
N ASP A 216 42.70 -5.29 -2.29
CA ASP A 216 42.51 -6.51 -3.06
C ASP A 216 43.80 -7.34 -2.96
N LYS A 217 44.05 -7.88 -1.77
CA LYS A 217 45.30 -8.57 -1.46
C LYS A 217 45.27 -10.02 -1.94
N LYS A 218 46.35 -10.45 -2.59
CA LYS A 218 46.50 -11.82 -3.04
C LYS A 218 47.29 -12.62 -2.01
N VAL A 219 46.85 -13.85 -1.77
CA VAL A 219 47.42 -14.72 -0.73
C VAL A 219 48.25 -15.79 -1.42
N GLU A 220 49.56 -15.81 -1.11
CA GLU A 220 50.46 -16.80 -1.68
C GLU A 220 50.77 -17.90 -0.67
N PRO A 221 50.96 -19.13 -1.14
CA PRO A 221 51.37 -20.20 -0.22
C PRO A 221 52.84 -20.07 0.16
N LYS A 222 53.18 -20.66 1.30
CA LYS A 222 54.55 -20.59 1.82
C LYS A 222 55.27 -21.92 1.66
N ASP B 1 7.99 -0.68 34.38
CA ASP B 1 7.97 -1.39 33.12
C ASP B 1 7.48 -2.82 33.32
N ILE B 2 6.91 -3.41 32.28
CA ILE B 2 6.54 -4.82 32.31
C ILE B 2 7.76 -5.63 31.92
N LEU B 3 8.11 -6.61 32.75
CA LEU B 3 9.22 -7.50 32.49
C LEU B 3 8.72 -8.71 31.72
N MET B 4 9.44 -9.06 30.65
CA MET B 4 9.13 -10.24 29.83
C MET B 4 10.31 -11.19 29.88
N THR B 5 10.12 -12.37 30.44
CA THR B 5 11.19 -13.35 30.58
C THR B 5 10.89 -14.60 29.77
N GLN B 6 11.77 -14.94 28.84
CA GLN B 6 11.64 -16.13 28.02
C GLN B 6 12.47 -17.27 28.59
N THR B 7 11.94 -18.49 28.51
CA THR B 7 12.67 -19.69 28.89
C THR B 7 12.36 -20.76 27.84
N PRO B 8 13.38 -21.49 27.35
CA PRO B 8 14.78 -21.29 27.66
C PRO B 8 15.36 -20.17 26.82
N LEU B 9 16.61 -19.80 27.07
CA LEU B 9 17.28 -18.81 26.24
C LEU B 9 17.87 -19.42 24.97
N SER B 10 17.99 -20.75 24.91
CA SER B 10 18.61 -21.40 23.77
C SER B 10 17.96 -22.76 23.57
N LEU B 11 17.84 -23.16 22.30
CA LEU B 11 17.16 -24.39 21.93
C LEU B 11 17.91 -25.03 20.78
N SER B 12 18.25 -26.32 20.92
CA SER B 12 18.88 -27.12 19.88
C SER B 12 17.88 -28.19 19.48
N VAL B 13 17.38 -28.11 18.25
CA VAL B 13 16.23 -28.89 17.82
C VAL B 13 16.62 -29.80 16.66
N THR B 14 16.36 -31.08 16.82
CA THR B 14 16.53 -32.01 15.72
C THR B 14 15.59 -31.62 14.57
N PRO B 15 16.08 -31.63 13.32
CA PRO B 15 15.21 -31.26 12.19
C PRO B 15 13.96 -32.10 12.17
N GLY B 16 12.80 -31.44 12.02
CA GLY B 16 11.52 -32.10 11.98
C GLY B 16 10.85 -32.29 13.32
N GLN B 17 11.53 -31.94 14.42
CA GLN B 17 11.04 -32.09 15.78
C GLN B 17 10.48 -30.76 16.26
N PRO B 18 9.63 -30.77 17.28
CA PRO B 18 9.00 -29.53 17.72
C PRO B 18 9.87 -28.73 18.68
N ALA B 19 9.53 -27.45 18.79
CA ALA B 19 10.16 -26.56 19.76
C ALA B 19 9.07 -25.74 20.44
N SER B 20 9.26 -25.50 21.73
CA SER B 20 8.33 -24.68 22.52
C SER B 20 9.12 -23.64 23.28
N ILE B 21 8.64 -22.39 23.24
CA ILE B 21 9.29 -21.26 23.88
C ILE B 21 8.25 -20.56 24.75
N SER B 22 8.56 -20.41 26.03
CA SER B 22 7.68 -19.79 26.99
C SER B 22 8.00 -18.31 27.15
N CYS B 23 6.97 -17.51 27.42
CA CYS B 23 7.14 -16.12 27.76
C CYS B 23 6.25 -15.78 28.94
N LYS B 24 6.86 -15.20 29.97
CA LYS B 24 6.16 -14.79 31.19
C LYS B 24 6.29 -13.29 31.35
N SER B 25 5.17 -12.61 31.57
CA SER B 25 5.13 -11.17 31.80
C SER B 25 4.85 -10.88 33.27
N SER B 26 5.43 -9.79 33.77
CA SER B 26 5.29 -9.46 35.18
C SER B 26 3.87 -8.97 35.51
N GLN B 27 3.12 -8.50 34.52
CA GLN B 27 1.72 -8.14 34.67
C GLN B 27 0.91 -8.84 33.60
N SER B 28 -0.40 -8.85 33.80
CA SER B 28 -1.29 -9.40 32.78
C SER B 28 -1.23 -8.56 31.51
N LEU B 29 -1.30 -9.24 30.37
CA LEU B 29 -1.37 -8.60 29.07
C LEU B 29 -2.80 -8.47 28.55
N LEU B 30 -3.79 -8.91 29.32
CA LEU B 30 -5.19 -8.76 28.93
C LEU B 30 -5.64 -7.34 29.23
N ASP B 31 -6.01 -6.60 28.19
CA ASP B 31 -6.46 -5.24 28.34
C ASP B 31 -7.96 -5.22 28.61
N ASN B 32 -8.46 -4.06 29.06
CA ASN B 32 -9.88 -3.92 29.39
C ASN B 32 -10.78 -4.09 28.17
N ASP B 33 -10.23 -4.10 26.96
CA ASP B 33 -11.02 -4.22 25.75
C ASP B 33 -11.17 -5.66 25.27
N GLY B 34 -10.71 -6.64 26.07
CA GLY B 34 -10.80 -8.03 25.69
C GLY B 34 -9.68 -8.55 24.81
N LYS B 35 -8.82 -7.67 24.29
CA LYS B 35 -7.67 -8.10 23.52
C LYS B 35 -6.47 -8.33 24.44
N THR B 36 -5.60 -9.27 24.05
CA THR B 36 -4.37 -9.58 24.77
C THR B 36 -3.18 -9.21 23.89
N TYR B 37 -2.39 -8.25 24.35
CA TYR B 37 -1.38 -7.60 23.50
C TYR B 37 -0.02 -8.28 23.66
N LEU B 38 0.02 -9.54 23.26
CA LEU B 38 1.23 -10.34 23.21
C LEU B 38 1.51 -10.68 21.74
N TYR B 39 2.76 -10.46 21.31
CA TYR B 39 3.18 -10.68 19.95
C TYR B 39 4.49 -11.48 19.93
N TRP B 40 4.73 -12.23 18.86
CA TRP B 40 5.94 -13.04 18.72
C TRP B 40 6.69 -12.62 17.47
N TYR B 41 8.00 -12.37 17.61
CA TYR B 41 8.86 -11.98 16.50
C TYR B 41 9.95 -13.02 16.29
N LEU B 42 10.38 -13.14 15.04
CA LEU B 42 11.59 -13.90 14.70
C LEU B 42 12.56 -12.96 14.00
N GLN B 43 13.83 -12.99 14.45
CA GLN B 43 14.91 -12.31 13.74
C GLN B 43 15.88 -13.38 13.25
N LYS B 44 15.86 -13.64 11.95
CA LYS B 44 16.84 -14.54 11.32
C LYS B 44 18.20 -13.87 11.28
N PRO B 45 19.28 -14.66 11.15
CA PRO B 45 20.63 -14.09 11.23
C PRO B 45 20.89 -13.07 10.13
N GLY B 46 21.30 -11.86 10.56
CA GLY B 46 21.57 -10.79 9.62
C GLY B 46 20.35 -10.16 9.00
N GLN B 47 19.16 -10.42 9.53
CA GLN B 47 17.91 -9.92 8.97
C GLN B 47 17.18 -9.05 9.98
N SER B 48 16.23 -8.28 9.48
CA SER B 48 15.35 -7.51 10.35
C SER B 48 14.35 -8.42 11.02
N PRO B 49 13.81 -8.02 12.17
CA PRO B 49 12.73 -8.80 12.79
C PRO B 49 11.55 -8.92 11.84
N GLN B 50 10.83 -10.03 11.97
CA GLN B 50 9.60 -10.26 11.23
C GLN B 50 8.57 -10.81 12.20
N LEU B 51 7.32 -10.43 12.00
CA LEU B 51 6.24 -10.83 12.89
C LEU B 51 5.79 -12.24 12.57
N LEU B 52 5.53 -13.03 13.61
CA LEU B 52 5.00 -14.37 13.41
C LEU B 52 3.58 -14.50 13.92
N ILE B 53 3.31 -14.01 15.13
CA ILE B 53 2.03 -14.21 15.80
C ILE B 53 1.61 -12.89 16.43
N TYR B 54 0.35 -12.51 16.26
CA TYR B 54 -0.17 -11.34 16.93
C TYR B 54 -1.30 -11.74 17.86
N GLU B 55 -1.40 -11.05 18.99
CA GLU B 55 -2.48 -11.26 19.96
C GLU B 55 -2.59 -12.73 20.34
N VAL B 56 -1.47 -13.26 20.84
CA VAL B 56 -1.33 -14.59 21.43
C VAL B 56 -1.32 -15.69 20.37
N SER B 57 -2.34 -15.69 19.49
CA SER B 57 -2.73 -16.90 18.80
C SER B 57 -2.91 -16.76 17.30
N ASN B 58 -2.72 -15.57 16.74
CA ASN B 58 -3.10 -15.30 15.36
C ASN B 58 -1.85 -15.24 14.48
N ARG B 59 -1.91 -15.94 13.37
CA ARG B 59 -0.79 -16.03 12.46
C ARG B 59 -0.81 -14.84 11.50
N PHE B 60 0.32 -14.13 11.44
CA PHE B 60 0.50 -13.13 10.40
C PHE B 60 0.45 -13.81 9.03
N SER B 61 -0.06 -13.09 8.03
CA SER B 61 -0.25 -13.66 6.71
C SER B 61 1.05 -14.13 6.11
N GLY B 62 1.05 -15.34 5.55
CA GLY B 62 2.23 -15.92 4.98
C GLY B 62 3.12 -16.67 5.95
N VAL B 63 2.82 -16.62 7.24
CA VAL B 63 3.60 -17.39 8.22
C VAL B 63 3.18 -18.86 8.13
N PRO B 64 4.14 -19.80 8.04
CA PRO B 64 3.78 -21.22 7.91
C PRO B 64 2.94 -21.71 9.09
N GLU B 65 2.10 -22.70 8.79
CA GLU B 65 1.14 -23.23 9.76
C GLU B 65 1.79 -23.94 10.94
N ARG B 66 3.06 -24.36 10.81
CA ARG B 66 3.73 -25.04 11.91
C ARG B 66 3.99 -24.10 13.09
N PHE B 67 3.83 -22.79 12.91
CA PHE B 67 3.94 -21.83 14.00
C PHE B 67 2.57 -21.64 14.66
N SER B 68 2.51 -21.84 15.97
CA SER B 68 1.28 -21.56 16.70
C SER B 68 1.58 -20.91 18.05
N GLY B 69 0.67 -20.06 18.52
CA GLY B 69 0.79 -19.49 19.84
C GLY B 69 -0.40 -19.83 20.74
N SER B 70 -0.18 -19.77 22.05
CA SER B 70 -1.24 -20.03 23.03
C SER B 70 -0.85 -19.38 24.35
N GLY B 71 -1.83 -19.30 25.25
CA GLY B 71 -1.62 -18.76 26.57
C GLY B 71 -2.66 -17.70 26.90
N SER B 72 -2.51 -17.13 28.08
CA SER B 72 -3.41 -16.07 28.54
C SER B 72 -2.77 -15.37 29.74
N GLY B 73 -3.32 -14.22 30.08
CA GLY B 73 -2.87 -13.49 31.24
C GLY B 73 -1.41 -13.10 31.23
N THR B 74 -0.57 -13.94 31.85
CA THR B 74 0.85 -13.66 32.04
C THR B 74 1.77 -14.73 31.50
N ASP B 75 1.24 -15.82 30.94
CA ASP B 75 2.08 -16.93 30.50
C ASP B 75 1.68 -17.35 29.09
N PHE B 76 2.65 -17.36 28.18
CA PHE B 76 2.41 -17.57 26.76
C PHE B 76 3.44 -18.53 26.19
N THR B 77 3.03 -19.30 25.18
CA THR B 77 3.89 -20.30 24.57
C THR B 77 3.84 -20.17 23.05
N LEU B 78 5.01 -20.14 22.43
CA LEU B 78 5.15 -20.27 20.99
C LEU B 78 5.57 -21.69 20.67
N LYS B 79 4.87 -22.34 19.74
CA LYS B 79 5.16 -23.70 19.34
C LYS B 79 5.54 -23.71 17.87
N ILE B 80 6.68 -24.33 17.55
CA ILE B 80 7.08 -24.62 16.18
C ILE B 80 6.95 -26.12 16.00
N ARG B 81 6.01 -26.55 15.16
CA ARG B 81 5.66 -27.97 15.11
C ARG B 81 6.81 -28.82 14.57
N ARG B 82 7.42 -28.40 13.46
CA ARG B 82 8.43 -29.20 12.76
C ARG B 82 9.55 -28.24 12.36
N VAL B 83 10.59 -28.15 13.18
CA VAL B 83 11.62 -27.14 12.97
C VAL B 83 12.39 -27.46 11.71
N GLU B 84 12.62 -26.42 10.89
CA GLU B 84 13.38 -26.48 9.65
C GLU B 84 14.58 -25.55 9.76
N ALA B 85 15.46 -25.63 8.77
CA ALA B 85 16.64 -24.77 8.76
C ALA B 85 16.25 -23.29 8.67
N GLU B 86 15.17 -22.99 7.95
CA GLU B 86 14.71 -21.60 7.84
C GLU B 86 14.29 -21.00 9.19
N ASP B 87 13.95 -21.82 10.18
CA ASP B 87 13.50 -21.32 11.48
C ASP B 87 14.65 -20.95 12.42
N VAL B 88 15.90 -21.01 11.95
CA VAL B 88 17.04 -20.68 12.80
C VAL B 88 17.08 -19.17 13.05
N GLY B 89 17.31 -18.79 14.30
CA GLY B 89 17.38 -17.39 14.65
C GLY B 89 16.89 -17.17 16.07
N VAL B 90 16.59 -15.91 16.38
CA VAL B 90 16.25 -15.51 17.74
C VAL B 90 14.78 -15.09 17.77
N TYR B 91 14.03 -15.69 18.70
CA TYR B 91 12.60 -15.46 18.86
C TYR B 91 12.36 -14.56 20.05
N TYR B 92 11.53 -13.53 19.86
CA TYR B 92 11.23 -12.55 20.90
C TYR B 92 9.73 -12.51 21.13
N CYS B 93 9.29 -12.43 22.39
CA CYS B 93 7.93 -11.96 22.58
C CYS B 93 7.97 -10.47 22.92
N MET B 94 6.82 -9.83 22.72
CA MET B 94 6.70 -8.39 22.91
C MET B 94 5.29 -8.09 23.42
N GLN B 95 5.22 -7.20 24.40
CA GLN B 95 3.96 -6.68 24.93
C GLN B 95 3.81 -5.22 24.51
N ARG B 96 2.55 -4.79 24.37
CA ARG B 96 2.30 -3.37 24.18
C ARG B 96 0.99 -2.95 24.86
N ILE B 97 0.64 -3.59 25.97
CA ILE B 97 -0.47 -3.13 26.78
C ILE B 97 -0.08 -1.92 27.61
N ASP B 98 1.22 -1.66 27.75
CA ASP B 98 1.70 -0.64 28.66
C ASP B 98 2.92 0.02 28.05
N LEU B 99 3.13 1.28 28.41
CA LEU B 99 4.39 1.89 27.97
C LEU B 99 5.45 1.69 29.04
N PRO B 100 6.71 1.41 28.65
CA PRO B 100 7.15 1.21 27.27
C PRO B 100 6.79 -0.17 26.71
N TRP B 101 6.64 -0.31 25.39
CA TRP B 101 6.64 -1.64 24.79
C TRP B 101 7.96 -2.32 25.14
N THR B 102 7.89 -3.57 25.58
CA THR B 102 9.06 -4.29 26.02
C THR B 102 9.12 -5.66 25.37
N PHE B 103 10.35 -6.11 25.11
CA PHE B 103 10.61 -7.43 24.56
C PHE B 103 11.20 -8.34 25.63
N GLY B 104 10.99 -9.64 25.44
CA GLY B 104 11.82 -10.61 26.10
C GLY B 104 13.25 -10.54 25.60
N GLN B 105 14.14 -11.26 26.28
CA GLN B 105 15.56 -11.18 25.94
C GLN B 105 15.92 -12.02 24.72
N GLY B 106 15.02 -12.87 24.25
CA GLY B 106 15.26 -13.60 23.03
C GLY B 106 15.66 -15.04 23.29
N THR B 107 15.12 -15.95 22.50
CA THR B 107 15.45 -17.37 22.57
C THR B 107 16.07 -17.77 21.25
N LYS B 108 17.33 -18.20 21.30
CA LYS B 108 18.04 -18.66 20.12
C LYS B 108 17.63 -20.07 19.77
N VAL B 109 17.37 -20.33 18.49
CA VAL B 109 17.03 -21.64 18.00
C VAL B 109 18.06 -22.03 16.94
N GLU B 110 18.67 -23.21 17.12
CA GLU B 110 19.58 -23.77 16.14
C GLU B 110 19.12 -25.17 15.77
N ILE B 111 19.63 -25.67 14.65
CA ILE B 111 19.40 -27.06 14.25
C ILE B 111 20.35 -27.96 15.03
N LYS B 112 19.81 -29.06 15.56
CA LYS B 112 20.61 -30.10 16.22
C LYS B 112 20.91 -31.21 15.20
N ARG B 113 22.10 -31.20 14.61
CA ARG B 113 22.53 -32.24 13.70
C ARG B 113 23.48 -33.22 14.42
N THR B 114 23.93 -34.24 13.70
CA THR B 114 24.90 -35.19 14.24
C THR B 114 26.22 -34.49 14.57
N VAL B 115 26.95 -35.05 15.54
CA VAL B 115 28.24 -34.49 15.92
C VAL B 115 29.18 -34.48 14.72
N ALA B 116 29.87 -33.36 14.52
CA ALA B 116 30.89 -33.25 13.46
C ALA B 116 32.14 -32.61 14.06
N ALA B 117 33.26 -33.30 13.95
CA ALA B 117 34.52 -32.77 14.49
C ALA B 117 35.06 -31.66 13.60
N PRO B 118 35.68 -30.64 14.18
CA PRO B 118 36.24 -29.55 13.38
C PRO B 118 37.55 -29.95 12.71
N SER B 119 37.80 -29.35 11.54
CA SER B 119 39.14 -29.32 10.97
C SER B 119 39.89 -28.15 11.57
N VAL B 120 41.15 -28.35 11.92
CA VAL B 120 41.91 -27.36 12.67
C VAL B 120 43.09 -26.90 11.82
N PHE B 121 43.28 -25.59 11.75
CA PHE B 121 44.38 -24.98 11.02
C PHE B 121 44.99 -23.87 11.86
N ILE B 122 46.33 -23.76 11.81
CA ILE B 122 47.03 -22.69 12.49
C ILE B 122 47.76 -21.84 11.46
N PHE B 123 47.73 -20.52 11.65
CA PHE B 123 48.37 -19.58 10.74
C PHE B 123 49.41 -18.75 11.50
N PRO B 124 50.69 -18.86 11.18
CA PRO B 124 51.68 -17.98 11.82
C PRO B 124 51.42 -16.53 11.45
N PRO B 125 51.98 -15.59 12.22
CA PRO B 125 51.78 -14.18 11.89
C PRO B 125 52.49 -13.83 10.59
N SER B 126 51.94 -12.83 9.92
CA SER B 126 52.45 -12.39 8.63
C SER B 126 53.80 -11.71 8.77
N ASP B 127 54.64 -11.86 7.74
CA ASP B 127 55.89 -11.09 7.71
C ASP B 127 55.61 -9.61 7.50
N GLU B 128 54.59 -9.26 6.71
CA GLU B 128 54.18 -7.87 6.61
C GLU B 128 53.75 -7.33 7.96
N GLN B 129 52.92 -8.09 8.68
CA GLN B 129 52.45 -7.64 9.98
C GLN B 129 53.60 -7.55 10.99
N LEU B 130 54.59 -8.44 10.89
CA LEU B 130 55.72 -8.38 11.80
C LEU B 130 56.54 -7.12 11.60
N LYS B 131 56.58 -6.59 10.37
CA LYS B 131 57.23 -5.30 10.13
C LYS B 131 56.56 -4.16 10.90
N SER B 132 55.33 -4.37 11.40
CA SER B 132 54.55 -3.30 11.99
C SER B 132 54.60 -3.24 13.51
N GLY B 133 55.07 -4.29 14.18
CA GLY B 133 55.23 -4.28 15.62
C GLY B 133 54.33 -5.23 16.37
N THR B 134 53.38 -5.87 15.70
CA THR B 134 52.43 -6.76 16.32
C THR B 134 52.47 -8.11 15.61
N ALA B 135 52.21 -9.18 16.37
CA ALA B 135 52.08 -10.52 15.83
C ALA B 135 50.71 -11.06 16.20
N SER B 136 49.98 -11.54 15.19
CA SER B 136 48.69 -12.17 15.36
C SER B 136 48.79 -13.61 14.89
N VAL B 137 48.39 -14.56 15.73
CA VAL B 137 48.38 -15.97 15.39
C VAL B 137 46.93 -16.43 15.36
N VAL B 138 46.54 -17.07 14.26
CA VAL B 138 45.15 -17.47 14.03
C VAL B 138 45.06 -18.99 14.07
N CYS B 139 44.09 -19.49 14.81
CA CYS B 139 43.70 -20.89 14.82
C CYS B 139 42.26 -20.99 14.31
N LEU B 140 42.03 -21.83 13.30
CA LEU B 140 40.74 -21.94 12.64
C LEU B 140 40.14 -23.30 12.91
N LEU B 141 38.89 -23.32 13.39
CA LEU B 141 38.11 -24.53 13.56
C LEU B 141 37.00 -24.51 12.51
N ASN B 142 36.98 -25.51 11.63
CA ASN B 142 36.11 -25.48 10.46
C ASN B 142 35.08 -26.60 10.50
N ASN B 143 33.81 -26.24 10.31
CA ASN B 143 32.72 -27.18 9.97
C ASN B 143 32.44 -28.18 11.09
N PHE B 144 32.01 -27.67 12.24
CA PHE B 144 31.83 -28.53 13.41
C PHE B 144 30.47 -28.30 14.06
N TYR B 145 30.03 -29.33 14.79
CA TYR B 145 28.80 -29.35 15.54
C TYR B 145 29.00 -30.34 16.68
N PRO B 146 28.61 -29.99 17.92
CA PRO B 146 27.98 -28.73 18.33
C PRO B 146 28.91 -27.52 18.41
N ARG B 147 28.30 -26.35 18.62
CA ARG B 147 29.04 -25.09 18.62
C ARG B 147 30.06 -25.00 19.75
N GLU B 148 29.86 -25.73 20.84
CA GLU B 148 30.77 -25.63 21.97
C GLU B 148 32.11 -26.27 21.64
N ALA B 149 33.21 -25.61 22.03
CA ALA B 149 34.55 -26.13 21.80
C ALA B 149 35.53 -25.34 22.66
N LYS B 150 36.58 -26.01 23.10
CA LYS B 150 37.66 -25.39 23.88
C LYS B 150 38.89 -25.22 22.99
N VAL B 151 39.33 -23.98 22.82
CA VAL B 151 40.54 -23.67 22.08
C VAL B 151 41.53 -23.05 23.05
N GLN B 152 42.69 -23.66 23.18
CA GLN B 152 43.71 -23.20 24.10
C GLN B 152 44.99 -22.94 23.34
N TRP B 153 45.60 -21.80 23.63
CA TRP B 153 46.89 -21.43 23.08
C TRP B 153 47.98 -21.78 24.07
N LYS B 154 49.06 -22.40 23.56
CA LYS B 154 50.22 -22.77 24.35
C LYS B 154 51.46 -22.22 23.67
N VAL B 155 52.24 -21.42 24.39
CA VAL B 155 53.48 -20.85 23.88
C VAL B 155 54.63 -21.38 24.71
N ASP B 156 55.56 -22.10 24.05
CA ASP B 156 56.65 -22.78 24.74
C ASP B 156 56.13 -23.58 25.92
N ASN B 157 55.02 -24.30 25.69
CA ASN B 157 54.34 -25.16 26.65
C ASN B 157 53.60 -24.39 27.74
N ALA B 158 53.60 -23.06 27.70
CA ALA B 158 52.93 -22.25 28.71
C ALA B 158 51.57 -21.82 28.21
N LEU B 159 50.53 -22.09 29.01
CA LEU B 159 49.16 -21.73 28.64
C LEU B 159 48.98 -20.22 28.62
N GLN B 160 48.35 -19.73 27.56
CA GLN B 160 48.12 -18.30 27.41
C GLN B 160 46.75 -17.93 27.98
N SER B 161 46.64 -16.72 28.49
CA SER B 161 45.42 -16.28 29.13
C SER B 161 45.24 -14.79 28.91
N GLY B 162 44.01 -14.40 28.59
CA GLY B 162 43.68 -12.99 28.44
C GLY B 162 44.21 -12.31 27.20
N ASN B 163 44.93 -13.01 26.33
CA ASN B 163 45.49 -12.40 25.13
C ASN B 163 44.99 -13.05 23.85
N SER B 164 43.80 -13.65 23.89
CA SER B 164 43.21 -14.24 22.69
C SER B 164 41.72 -13.89 22.61
N GLN B 165 41.20 -13.85 21.38
CA GLN B 165 39.79 -13.60 21.15
C GLN B 165 39.24 -14.58 20.14
N GLU B 166 38.00 -15.02 20.37
CA GLU B 166 37.31 -15.99 19.55
C GLU B 166 36.21 -15.33 18.74
N SER B 167 35.93 -15.89 17.57
CA SER B 167 34.81 -15.44 16.76
C SER B 167 34.19 -16.64 16.07
N VAL B 168 32.86 -16.73 16.07
CA VAL B 168 32.17 -17.91 15.58
C VAL B 168 31.09 -17.48 14.60
N THR B 169 31.00 -18.20 13.48
CA THR B 169 29.98 -17.89 12.49
C THR B 169 28.60 -18.31 12.98
N GLU B 170 27.58 -17.84 12.29
CA GLU B 170 26.24 -18.38 12.46
C GLU B 170 26.18 -19.77 11.87
N GLN B 171 25.16 -20.53 12.25
CA GLN B 171 25.04 -21.89 11.76
C GLN B 171 24.90 -21.89 10.24
N ASP B 172 25.68 -22.75 9.59
CA ASP B 172 25.71 -22.84 8.13
C ASP B 172 24.45 -23.50 7.60
N SER B 173 23.81 -22.84 6.64
CA SER B 173 22.59 -23.36 6.02
C SER B 173 22.82 -24.69 5.31
N LYS B 174 24.00 -24.90 4.74
CA LYS B 174 24.22 -26.07 3.89
C LYS B 174 24.37 -27.35 4.71
N ASP B 175 25.10 -27.32 5.82
CA ASP B 175 25.39 -28.52 6.58
C ASP B 175 25.11 -28.42 8.08
N SER B 176 24.61 -27.27 8.56
CA SER B 176 24.27 -27.09 9.97
C SER B 176 25.50 -27.15 10.88
N THR B 177 26.67 -26.82 10.33
CA THR B 177 27.88 -26.75 11.14
C THR B 177 28.20 -25.29 11.45
N TYR B 178 29.22 -25.12 12.31
CA TYR B 178 29.79 -23.83 12.64
C TYR B 178 31.26 -23.81 12.24
N SER B 179 31.83 -22.61 12.21
CA SER B 179 33.27 -22.42 12.07
C SER B 179 33.71 -21.37 13.08
N LEU B 180 34.99 -21.39 13.41
CA LEU B 180 35.44 -20.57 14.54
C LEU B 180 36.88 -20.18 14.35
N SER B 181 37.18 -18.93 14.69
CA SER B 181 38.55 -18.44 14.74
C SER B 181 38.91 -18.06 16.16
N SER B 182 40.14 -18.37 16.55
CA SER B 182 40.74 -17.86 17.78
C SER B 182 42.04 -17.17 17.40
N THR B 183 42.23 -15.95 17.89
CA THR B 183 43.31 -15.08 17.46
C THR B 183 44.18 -14.73 18.67
N LEU B 184 45.43 -15.15 18.64
CA LEU B 184 46.39 -14.81 19.68
C LEU B 184 47.16 -13.57 19.25
N THR B 185 47.18 -12.55 20.09
CA THR B 185 47.87 -11.29 19.76
C THR B 185 48.98 -11.05 20.76
N LEU B 186 50.20 -10.90 20.25
CA LEU B 186 51.35 -10.51 21.04
C LEU B 186 52.06 -9.35 20.36
N SER B 187 52.84 -8.60 21.14
CA SER B 187 53.79 -7.68 20.53
C SER B 187 54.82 -8.47 19.72
N LYS B 188 55.46 -7.79 18.76
CA LYS B 188 56.51 -8.43 17.98
C LYS B 188 57.62 -8.93 18.89
N ALA B 189 57.96 -8.16 19.91
CA ALA B 189 59.06 -8.53 20.80
C ALA B 189 58.75 -9.83 21.57
N ASP B 190 57.56 -9.90 22.15
CA ASP B 190 57.17 -11.11 22.88
C ASP B 190 57.14 -12.32 21.94
N TYR B 191 56.65 -12.11 20.71
CA TYR B 191 56.61 -13.20 19.73
C TYR B 191 58.00 -13.73 19.44
N GLU B 192 58.99 -12.85 19.27
CA GLU B 192 60.32 -13.27 18.89
C GLU B 192 61.12 -13.88 20.04
N LYS B 193 60.62 -13.76 21.26
CA LYS B 193 61.23 -14.37 22.45
C LYS B 193 60.81 -15.82 22.67
N HIS B 194 59.98 -16.39 21.81
CA HIS B 194 59.50 -17.75 22.04
C HIS B 194 59.54 -18.54 20.73
N LYS B 195 59.50 -19.86 20.85
CA LYS B 195 59.71 -20.74 19.72
C LYS B 195 58.46 -21.53 19.32
N VAL B 196 57.85 -22.27 20.23
CA VAL B 196 56.76 -23.19 19.90
C VAL B 196 55.42 -22.51 20.14
N TYR B 197 54.60 -22.42 19.09
CA TYR B 197 53.25 -21.87 19.17
C TYR B 197 52.24 -22.96 18.78
N ALA B 198 51.26 -23.21 19.64
CA ALA B 198 50.30 -24.27 19.41
C ALA B 198 48.90 -23.88 19.87
N CYS B 199 47.90 -24.29 19.11
CA CYS B 199 46.52 -24.22 19.55
C CYS B 199 46.01 -25.64 19.72
N GLU B 200 45.34 -25.89 20.84
CA GLU B 200 44.81 -27.19 21.16
C GLU B 200 43.29 -27.10 21.17
N VAL B 201 42.64 -27.97 20.40
CA VAL B 201 41.19 -27.93 20.22
C VAL B 201 40.60 -29.17 20.90
N THR B 202 39.66 -28.93 21.80
CA THR B 202 38.85 -29.98 22.40
C THR B 202 37.42 -29.85 21.88
N HIS B 203 36.85 -30.96 21.44
CA HIS B 203 35.50 -30.91 20.89
C HIS B 203 34.87 -32.29 20.98
N GLN B 204 33.54 -32.30 21.08
CA GLN B 204 32.79 -33.54 21.25
C GLN B 204 33.12 -34.58 20.19
N GLY B 205 33.42 -34.15 18.97
CA GLY B 205 33.74 -35.08 17.90
C GLY B 205 35.16 -35.60 17.88
N LEU B 206 35.99 -35.21 18.85
CA LEU B 206 37.38 -35.66 18.93
C LEU B 206 37.52 -36.55 20.16
N SER B 207 38.03 -37.77 19.95
CA SER B 207 38.29 -38.66 21.09
C SER B 207 39.56 -38.27 21.82
N SER B 208 40.42 -37.48 21.20
CA SER B 208 41.59 -36.92 21.84
C SER B 208 41.79 -35.51 21.31
N PRO B 209 42.37 -34.62 22.10
CA PRO B 209 42.56 -33.23 21.65
C PRO B 209 43.40 -33.18 20.38
N VAL B 210 43.11 -32.21 19.54
CA VAL B 210 43.87 -31.97 18.32
C VAL B 210 44.75 -30.75 18.55
N THR B 211 46.04 -30.89 18.23
CA THR B 211 47.03 -29.83 18.39
C THR B 211 47.61 -29.46 17.04
N LYS B 212 47.62 -28.17 16.72
CA LYS B 212 48.30 -27.64 15.55
C LYS B 212 49.38 -26.70 16.01
N SER B 213 50.60 -26.92 15.53
CA SER B 213 51.80 -26.27 16.04
C SER B 213 52.62 -25.69 14.91
N PHE B 214 53.47 -24.72 15.26
CA PHE B 214 54.53 -24.30 14.39
C PHE B 214 55.65 -23.73 15.24
N ASN B 215 56.86 -23.77 14.72
CA ASN B 215 58.00 -23.13 15.35
C ASN B 215 58.27 -21.83 14.61
N ARG B 216 58.46 -20.74 15.37
CA ARG B 216 58.63 -19.42 14.76
C ARG B 216 59.83 -19.43 13.81
N GLY B 217 59.59 -18.99 12.57
CA GLY B 217 60.65 -18.91 11.58
C GLY B 217 60.89 -20.18 10.80
N GLU B 218 60.05 -21.19 10.95
CA GLU B 218 60.22 -22.45 10.24
C GLU B 218 58.93 -22.84 9.52
N GLU C 1 -2.38 3.92 -7.11
CA GLU C 1 -2.45 2.46 -7.29
C GLU C 1 -3.57 1.83 -6.47
N VAL C 2 -4.28 2.66 -5.69
CA VAL C 2 -5.48 2.20 -4.98
C VAL C 2 -6.59 1.99 -5.99
N GLN C 3 -7.14 0.78 -6.02
CA GLN C 3 -8.20 0.42 -6.96
C GLN C 3 -9.33 -0.27 -6.20
N LEU C 4 -10.57 0.14 -6.49
CA LEU C 4 -11.76 -0.44 -5.90
C LEU C 4 -12.78 -0.69 -7.00
N VAL C 5 -13.31 -1.90 -7.06
CA VAL C 5 -14.16 -2.35 -8.15
C VAL C 5 -15.43 -2.95 -7.54
N GLU C 6 -16.56 -2.28 -7.75
CA GLU C 6 -17.84 -2.83 -7.37
C GLU C 6 -18.32 -3.81 -8.45
N SER C 7 -19.00 -4.86 -8.00
CA SER C 7 -19.58 -5.84 -8.92
C SER C 7 -20.80 -6.46 -8.26
N GLY C 8 -21.58 -7.17 -9.07
CA GLY C 8 -22.76 -7.84 -8.58
C GLY C 8 -24.07 -7.14 -8.89
N GLY C 9 -24.03 -5.96 -9.50
CA GLY C 9 -25.24 -5.25 -9.82
C GLY C 9 -25.98 -5.91 -10.97
N GLY C 10 -27.22 -5.48 -11.15
CA GLY C 10 -28.09 -6.06 -12.15
C GLY C 10 -29.54 -5.92 -11.74
N LEU C 11 -30.39 -6.67 -12.46
CA LEU C 11 -31.83 -6.68 -12.19
C LEU C 11 -32.17 -7.70 -11.12
N VAL C 12 -33.00 -7.29 -10.16
CA VAL C 12 -33.43 -8.18 -9.09
C VAL C 12 -34.89 -7.89 -8.76
N GLN C 13 -35.67 -8.96 -8.51
CA GLN C 13 -37.10 -8.80 -8.28
C GLN C 13 -37.36 -8.28 -6.87
N PRO C 14 -38.39 -7.45 -6.70
CA PRO C 14 -38.68 -6.89 -5.38
C PRO C 14 -38.92 -7.97 -4.34
N GLY C 15 -38.31 -7.79 -3.17
CA GLY C 15 -38.40 -8.75 -2.10
C GLY C 15 -37.27 -9.77 -2.06
N ARG C 16 -36.49 -9.89 -3.13
CA ARG C 16 -35.42 -10.87 -3.17
C ARG C 16 -34.12 -10.23 -2.69
N SER C 17 -33.07 -11.05 -2.64
CA SER C 17 -31.78 -10.65 -2.11
C SER C 17 -30.74 -10.52 -3.20
N LEU C 18 -29.66 -9.81 -2.88
CA LEU C 18 -28.55 -9.59 -3.80
C LEU C 18 -27.34 -9.12 -3.02
N ARG C 19 -26.17 -9.67 -3.36
CA ARG C 19 -24.92 -9.30 -2.70
C ARG C 19 -24.00 -8.59 -3.70
N LEU C 20 -23.47 -7.44 -3.29
CA LEU C 20 -22.47 -6.72 -4.06
C LEU C 20 -21.09 -6.97 -3.48
N SER C 21 -20.09 -6.97 -4.34
CA SER C 21 -18.70 -7.09 -3.94
C SER C 21 -17.94 -5.81 -4.24
N CYS C 22 -17.00 -5.47 -3.36
CA CYS C 22 -16.03 -4.40 -3.57
C CYS C 22 -14.65 -5.05 -3.50
N THR C 23 -14.01 -5.23 -4.64
CA THR C 23 -12.72 -5.90 -4.74
C THR C 23 -11.61 -4.87 -4.86
N THR C 24 -10.62 -4.95 -3.98
CA THR C 24 -9.61 -3.91 -3.85
C THR C 24 -8.21 -4.44 -4.08
N SER C 25 -7.32 -3.52 -4.39
CA SER C 25 -5.90 -3.80 -4.52
C SER C 25 -5.14 -2.50 -4.29
N GLY C 26 -3.84 -2.64 -4.04
CA GLY C 26 -2.97 -1.50 -3.88
C GLY C 26 -2.86 -0.96 -2.47
N PHE C 27 -3.35 -1.67 -1.47
CA PHE C 27 -3.23 -1.25 -0.06
C PHE C 27 -3.58 -2.44 0.82
N THR C 28 -3.25 -2.33 2.10
CA THR C 28 -3.52 -3.38 3.08
C THR C 28 -5.00 -3.28 3.41
N PHE C 29 -5.81 -4.11 2.76
CA PHE C 29 -7.26 -3.97 2.84
C PHE C 29 -7.74 -3.99 4.28
N GLY C 30 -7.18 -4.88 5.10
CA GLY C 30 -7.65 -5.05 6.47
C GLY C 30 -7.41 -3.85 7.36
N ASP C 31 -6.49 -2.96 7.00
CA ASP C 31 -6.21 -1.83 7.86
C ASP C 31 -7.29 -0.74 7.81
N TYR C 32 -8.17 -0.77 6.81
CA TYR C 32 -9.06 0.35 6.54
C TYR C 32 -10.53 0.01 6.77
N ALA C 33 -11.29 1.01 7.24
CA ALA C 33 -12.74 0.93 7.17
C ALA C 33 -13.20 1.12 5.73
N MET C 34 -14.22 0.37 5.35
CA MET C 34 -14.77 0.43 4.00
C MET C 34 -16.24 0.85 4.10
N SER C 35 -16.64 1.79 3.26
CA SER C 35 -17.95 2.41 3.35
C SER C 35 -18.71 2.25 2.04
N TRP C 36 -20.03 2.14 2.15
CA TRP C 36 -20.92 2.00 1.01
C TRP C 36 -21.82 3.23 0.91
N PHE C 37 -22.03 3.69 -0.32
CA PHE C 37 -22.93 4.81 -0.62
C PHE C 37 -23.84 4.39 -1.76
N ARG C 38 -24.86 5.21 -2.03
CA ARG C 38 -25.71 4.93 -3.17
C ARG C 38 -26.25 6.23 -3.74
N GLN C 39 -26.66 6.14 -5.00
CA GLN C 39 -27.12 7.30 -5.76
C GLN C 39 -28.26 6.84 -6.66
N ALA C 40 -29.48 7.21 -6.30
CA ALA C 40 -30.63 6.90 -7.14
C ALA C 40 -30.47 7.62 -8.49
N PRO C 41 -31.10 7.10 -9.54
CA PRO C 41 -30.99 7.75 -10.86
C PRO C 41 -31.42 9.21 -10.79
N GLY C 42 -30.50 10.10 -11.15
CA GLY C 42 -30.78 11.53 -11.14
C GLY C 42 -30.88 12.18 -9.78
N LYS C 43 -30.46 11.50 -8.72
CA LYS C 43 -30.58 12.02 -7.36
C LYS C 43 -29.18 12.20 -6.75
N GLY C 44 -29.16 12.67 -5.51
CA GLY C 44 -27.93 12.97 -4.82
C GLY C 44 -27.31 11.74 -4.19
N LEU C 45 -26.22 11.97 -3.47
CA LEU C 45 -25.51 10.91 -2.77
C LEU C 45 -26.13 10.68 -1.39
N GLU C 46 -26.19 9.40 -0.99
CA GLU C 46 -26.58 9.02 0.36
C GLU C 46 -25.66 7.92 0.87
N TRP C 47 -25.38 7.98 2.18
CA TRP C 47 -24.56 6.98 2.85
C TRP C 47 -25.40 5.77 3.21
N VAL C 48 -24.89 4.59 2.90
CA VAL C 48 -25.57 3.33 3.22
C VAL C 48 -25.02 2.72 4.50
N GLY C 49 -23.70 2.64 4.62
CA GLY C 49 -23.08 2.10 5.82
C GLY C 49 -21.57 2.07 5.66
N PHE C 50 -20.91 1.62 6.73
CA PHE C 50 -19.48 1.31 6.67
C PHE C 50 -19.22 0.13 7.59
N ILE C 51 -18.01 -0.42 7.48
CA ILE C 51 -17.54 -1.48 8.35
C ILE C 51 -16.11 -1.16 8.78
N ARG C 52 -15.86 -1.21 10.08
CA ARG C 52 -14.56 -0.86 10.63
C ARG C 52 -13.56 -1.97 10.36
N SER C 53 -12.27 -1.59 10.44
CA SER C 53 -11.21 -2.58 10.43
C SER C 53 -11.38 -3.55 11.60
N LYS C 54 -10.93 -4.78 11.41
CA LYS C 54 -10.96 -5.74 12.51
C LYS C 54 -10.12 -5.24 13.69
N GLY C 55 -9.14 -4.38 13.43
CA GLY C 55 -8.38 -3.81 14.54
C GLY C 55 -9.19 -2.87 15.42
N PHE C 56 -10.37 -2.44 14.96
CA PHE C 56 -11.26 -1.61 15.77
C PHE C 56 -12.58 -2.33 16.03
N GLY C 57 -12.55 -3.67 16.03
CA GLY C 57 -13.70 -4.49 16.34
C GLY C 57 -14.44 -5.03 15.13
N GLY C 58 -14.19 -4.48 13.94
CA GLY C 58 -14.82 -4.98 12.74
C GLY C 58 -16.33 -4.83 12.67
N THR C 59 -16.90 -3.96 13.48
CA THR C 59 -18.33 -3.74 13.51
C THR C 59 -18.75 -2.81 12.38
N ALA C 60 -20.05 -2.84 12.08
CA ALA C 60 -20.61 -2.04 11.00
C ALA C 60 -21.66 -1.08 11.55
N GLU C 61 -21.88 0.01 10.80
CA GLU C 61 -22.92 0.98 11.09
C GLU C 61 -23.76 1.18 9.84
N TYR C 62 -25.01 1.60 10.04
CA TYR C 62 -26.00 1.57 8.96
C TYR C 62 -26.89 2.81 9.00
N ALA C 63 -27.29 3.26 7.81
CA ALA C 63 -28.38 4.22 7.69
C ALA C 63 -29.70 3.56 8.07
N ALA C 64 -30.63 4.37 8.60
CA ALA C 64 -31.87 3.80 9.10
C ALA C 64 -32.64 3.06 8.01
N PHE C 65 -32.59 3.54 6.77
CA PHE C 65 -33.42 2.93 5.74
C PHE C 65 -32.94 1.55 5.29
N VAL C 66 -31.77 1.09 5.75
CA VAL C 66 -31.30 -0.26 5.47
C VAL C 66 -31.24 -1.13 6.71
N LYS C 67 -31.61 -0.61 7.88
CA LYS C 67 -31.49 -1.39 9.11
C LYS C 67 -32.35 -2.63 9.03
N GLY C 68 -31.79 -3.76 9.44
CA GLY C 68 -32.47 -5.03 9.41
C GLY C 68 -32.65 -5.65 8.04
N ARG C 69 -32.16 -5.00 6.99
CA ARG C 69 -32.24 -5.57 5.64
C ARG C 69 -30.89 -5.77 5.00
N PHE C 70 -29.96 -4.83 5.19
CA PHE C 70 -28.65 -4.88 4.55
C PHE C 70 -27.61 -5.24 5.60
N THR C 71 -26.64 -6.05 5.20
CA THR C 71 -25.54 -6.44 6.06
C THR C 71 -24.23 -6.23 5.33
N ILE C 72 -23.27 -5.57 5.99
CA ILE C 72 -21.95 -5.29 5.44
C ILE C 72 -20.94 -6.20 6.14
N SER C 73 -20.14 -6.93 5.36
CA SER C 73 -19.08 -7.79 5.90
C SER C 73 -17.83 -7.62 5.03
N ARG C 74 -16.75 -8.27 5.45
CA ARG C 74 -15.45 -8.14 4.77
C ARG C 74 -14.68 -9.45 4.81
N ASP C 75 -13.99 -9.76 3.72
CA ASP C 75 -13.08 -10.89 3.65
C ASP C 75 -11.67 -10.32 3.56
N ASP C 76 -10.98 -10.23 4.71
CA ASP C 76 -9.68 -9.57 4.72
C ASP C 76 -8.65 -10.33 3.89
N SER C 77 -8.78 -11.67 3.84
CA SER C 77 -7.81 -12.46 3.08
C SER C 77 -7.99 -12.28 1.58
N ARG C 78 -9.21 -12.00 1.12
CA ARG C 78 -9.45 -11.78 -0.30
C ARG C 78 -9.46 -10.30 -0.68
N SER C 79 -9.39 -9.39 0.28
CA SER C 79 -9.47 -7.94 0.04
C SER C 79 -10.81 -7.57 -0.60
N ILE C 80 -11.89 -8.05 -0.01
CA ILE C 80 -13.24 -7.83 -0.53
C ILE C 80 -14.14 -7.38 0.61
N ALA C 81 -14.95 -6.35 0.34
CA ALA C 81 -16.02 -5.91 1.22
C ALA C 81 -17.37 -6.25 0.56
N TYR C 82 -18.32 -6.71 1.35
CA TYR C 82 -19.62 -7.14 0.81
C TYR C 82 -20.73 -6.24 1.31
N LEU C 83 -21.73 -6.06 0.46
CA LEU C 83 -23.01 -5.43 0.82
C LEU C 83 -24.09 -6.45 0.51
N GLN C 84 -24.54 -7.17 1.55
CA GLN C 84 -25.60 -8.16 1.39
C GLN C 84 -26.94 -7.45 1.57
N MET C 85 -27.73 -7.42 0.50
CA MET C 85 -29.04 -6.78 0.51
C MET C 85 -30.13 -7.84 0.49
N THR C 86 -31.17 -7.63 1.30
CA THR C 86 -32.34 -8.50 1.32
C THR C 86 -33.60 -7.63 1.28
N SER C 87 -34.72 -8.27 0.93
CA SER C 87 -36.02 -7.59 0.83
C SER C 87 -35.90 -6.27 0.07
N LEU C 88 -35.38 -6.36 -1.14
CA LEU C 88 -35.10 -5.16 -1.92
C LEU C 88 -36.41 -4.54 -2.41
N LYS C 89 -36.52 -3.23 -2.26
CA LYS C 89 -37.65 -2.43 -2.70
C LYS C 89 -37.29 -1.63 -3.94
N PRO C 90 -38.29 -1.20 -4.72
CA PRO C 90 -37.99 -0.38 -5.89
C PRO C 90 -37.23 0.89 -5.57
N GLU C 91 -37.40 1.45 -4.37
CA GLU C 91 -36.63 2.62 -3.98
C GLU C 91 -35.13 2.32 -3.94
N ASP C 92 -34.76 1.09 -3.61
CA ASP C 92 -33.34 0.73 -3.50
C ASP C 92 -32.60 0.81 -4.82
N THR C 93 -33.32 0.92 -5.94
CA THR C 93 -32.68 1.08 -7.24
C THR C 93 -31.74 2.29 -7.23
N ALA C 94 -30.47 2.03 -7.49
CA ALA C 94 -29.42 3.04 -7.35
C ALA C 94 -28.12 2.45 -7.85
N VAL C 95 -27.17 3.33 -8.10
CA VAL C 95 -25.77 2.95 -8.27
C VAL C 95 -25.16 2.88 -6.88
N TYR C 96 -24.58 1.73 -6.53
CA TYR C 96 -23.98 1.54 -5.22
C TYR C 96 -22.47 1.69 -5.33
N TYR C 97 -21.91 2.54 -4.47
CA TYR C 97 -20.48 2.84 -4.44
C TYR C 97 -19.85 2.31 -3.17
N CYS C 98 -18.66 1.74 -3.30
CA CYS C 98 -17.83 1.43 -2.16
C CYS C 98 -16.64 2.38 -2.13
N SER C 99 -16.13 2.65 -0.93
CA SER C 99 -15.08 3.64 -0.77
C SER C 99 -14.18 3.28 0.39
N ARG C 100 -12.90 3.62 0.26
CA ARG C 100 -11.93 3.43 1.33
C ARG C 100 -11.92 4.67 2.22
N VAL C 101 -12.21 4.48 3.50
CA VAL C 101 -12.18 5.56 4.47
C VAL C 101 -10.75 5.77 4.95
N GLY C 102 -10.27 7.00 4.87
CA GLY C 102 -8.93 7.30 5.33
C GLY C 102 -8.85 7.33 6.84
N VAL C 103 -7.61 7.46 7.34
CA VAL C 103 -7.36 7.56 8.77
C VAL C 103 -7.07 9.04 9.11
N VAL C 104 -6.04 9.63 8.50
CA VAL C 104 -5.84 11.08 8.58
C VAL C 104 -7.05 11.81 8.03
N ILE C 105 -7.33 11.58 6.75
CA ILE C 105 -8.48 12.18 6.09
C ILE C 105 -9.61 11.15 6.24
N ALA C 106 -10.35 11.29 7.33
CA ALA C 106 -11.19 10.21 7.82
C ALA C 106 -12.61 10.29 7.25
N THR C 107 -12.68 10.40 5.92
CA THR C 107 -13.91 10.27 5.18
C THR C 107 -13.70 9.30 4.02
N ALA C 108 -14.76 9.06 3.26
CA ALA C 108 -14.66 8.27 2.04
C ALA C 108 -13.80 9.01 1.02
N VAL C 109 -12.58 8.51 0.77
CA VAL C 109 -11.63 9.22 -0.08
C VAL C 109 -11.57 8.64 -1.49
N TYR C 110 -11.28 7.35 -1.60
CA TYR C 110 -11.19 6.67 -2.90
C TYR C 110 -12.46 5.88 -3.14
N TRP C 111 -13.06 6.07 -4.32
CA TRP C 111 -14.34 5.46 -4.68
C TRP C 111 -14.17 4.58 -5.90
N GLY C 112 -15.02 3.57 -6.02
CA GLY C 112 -15.08 2.76 -7.22
C GLY C 112 -15.98 3.41 -8.27
N GLN C 113 -16.13 2.71 -9.41
CA GLN C 113 -16.95 3.25 -10.48
C GLN C 113 -18.44 3.10 -10.20
N GLY C 114 -18.81 2.23 -9.28
CA GLY C 114 -20.22 2.04 -8.98
C GLY C 114 -20.82 0.88 -9.74
N THR C 115 -21.85 0.28 -9.14
CA THR C 115 -22.57 -0.83 -9.73
C THR C 115 -24.06 -0.56 -9.59
N LEU C 116 -24.80 -0.73 -10.68
CA LEU C 116 -26.21 -0.35 -10.72
C LEU C 116 -27.08 -1.54 -10.37
N VAL C 117 -27.95 -1.36 -9.37
CA VAL C 117 -28.90 -2.38 -8.95
C VAL C 117 -30.30 -1.88 -9.31
N THR C 118 -31.03 -2.66 -10.10
CA THR C 118 -32.36 -2.30 -10.56
C THR C 118 -33.36 -3.26 -9.95
N VAL C 119 -34.21 -2.75 -9.07
CA VAL C 119 -35.23 -3.54 -8.40
C VAL C 119 -36.54 -3.29 -9.14
N SER C 120 -36.97 -4.26 -9.94
CA SER C 120 -38.19 -4.16 -10.72
C SER C 120 -38.70 -5.55 -11.06
N SER C 121 -40.02 -5.65 -11.27
CA SER C 121 -40.66 -6.90 -11.65
C SER C 121 -40.54 -7.20 -13.13
N ALA C 122 -40.12 -6.23 -13.94
CA ALA C 122 -40.04 -6.42 -15.37
C ALA C 122 -38.90 -7.38 -15.72
N SER C 123 -39.01 -7.96 -16.91
CA SER C 123 -38.05 -8.97 -17.35
C SER C 123 -36.91 -8.35 -18.14
N THR C 124 -35.83 -9.11 -18.26
CA THR C 124 -34.64 -8.64 -18.96
C THR C 124 -34.83 -8.76 -20.47
N LYS C 125 -34.42 -7.73 -21.20
CA LYS C 125 -34.49 -7.72 -22.65
C LYS C 125 -33.19 -7.17 -23.22
N GLY C 126 -32.67 -7.84 -24.24
CA GLY C 126 -31.50 -7.36 -24.95
C GLY C 126 -31.87 -6.32 -25.99
N PRO C 127 -30.91 -5.49 -26.37
CA PRO C 127 -31.19 -4.42 -27.33
C PRO C 127 -30.90 -4.79 -28.77
N SER C 128 -31.70 -4.25 -29.69
CA SER C 128 -31.37 -4.26 -31.11
C SER C 128 -30.50 -3.05 -31.41
N VAL C 129 -29.51 -3.24 -32.29
CA VAL C 129 -28.58 -2.17 -32.64
C VAL C 129 -28.75 -1.85 -34.11
N PHE C 130 -29.13 -0.62 -34.42
CA PHE C 130 -29.35 -0.20 -35.79
C PHE C 130 -28.41 0.94 -36.14
N PRO C 131 -27.95 1.02 -37.39
CA PRO C 131 -27.00 2.06 -37.77
C PRO C 131 -27.69 3.41 -37.91
N LEU C 132 -26.87 4.45 -37.79
CA LEU C 132 -27.26 5.83 -38.07
C LEU C 132 -26.23 6.31 -39.08
N ALA C 133 -26.46 6.03 -40.36
CA ALA C 133 -25.47 6.22 -41.40
C ALA C 133 -25.35 7.70 -41.78
N PRO C 134 -24.15 8.14 -42.22
CA PRO C 134 -23.87 9.52 -42.64
C PRO C 134 -24.92 10.10 -43.58
N GLY C 142 -17.80 18.98 -44.99
CA GLY C 142 -16.65 19.09 -44.12
C GLY C 142 -16.59 18.02 -43.03
N THR C 143 -17.54 18.08 -42.10
CA THR C 143 -17.61 17.16 -40.98
C THR C 143 -18.89 16.33 -41.09
N ALA C 144 -18.74 15.00 -41.02
CA ALA C 144 -19.86 14.07 -41.12
C ALA C 144 -20.17 13.47 -39.76
N ALA C 145 -21.42 13.08 -39.58
CA ALA C 145 -21.91 12.51 -38.33
C ALA C 145 -22.56 11.16 -38.59
N LEU C 146 -22.18 10.16 -37.81
CA LEU C 146 -22.81 8.85 -37.88
C LEU C 146 -23.01 8.33 -36.46
N GLY C 147 -23.55 7.14 -36.35
CA GLY C 147 -23.79 6.58 -35.03
C GLY C 147 -24.51 5.26 -35.05
N CYS C 148 -25.04 4.90 -33.89
CA CYS C 148 -25.74 3.64 -33.67
C CYS C 148 -26.93 3.89 -32.77
N LEU C 149 -28.06 3.29 -33.12
CA LEU C 149 -29.26 3.31 -32.30
C LEU C 149 -29.34 2.01 -31.50
N VAL C 150 -29.31 2.12 -30.18
CA VAL C 150 -29.44 0.96 -29.29
C VAL C 150 -30.84 0.97 -28.68
N LYS C 151 -31.77 0.22 -29.28
CA LYS C 151 -33.19 0.37 -29.01
C LYS C 151 -33.77 -0.83 -28.27
N ASP C 152 -34.62 -0.53 -27.28
CA ASP C 152 -35.42 -1.52 -26.57
C ASP C 152 -34.53 -2.49 -25.78
N TYR C 153 -34.11 -2.07 -24.59
CA TYR C 153 -33.40 -2.96 -23.68
C TYR C 153 -33.87 -2.68 -22.26
N PHE C 154 -33.63 -3.65 -21.39
CA PHE C 154 -33.95 -3.52 -19.98
C PHE C 154 -33.16 -4.57 -19.23
N PRO C 155 -32.60 -4.25 -18.06
CA PRO C 155 -32.60 -2.88 -17.52
C PRO C 155 -31.39 -2.10 -17.99
N GLU C 156 -31.16 -0.94 -17.40
CA GLU C 156 -29.89 -0.26 -17.60
C GLU C 156 -28.76 -1.10 -16.97
N PRO C 157 -27.52 -0.94 -17.45
CA PRO C 157 -27.11 -0.06 -18.55
C PRO C 157 -26.54 -0.79 -19.77
N VAL C 158 -26.19 -0.03 -20.80
CA VAL C 158 -25.39 -0.51 -21.92
C VAL C 158 -24.13 0.32 -22.01
N THR C 159 -23.06 -0.28 -22.52
CA THR C 159 -21.84 0.42 -22.86
C THR C 159 -21.69 0.43 -24.37
N VAL C 160 -21.19 1.54 -24.91
CA VAL C 160 -20.93 1.65 -26.34
C VAL C 160 -19.53 2.21 -26.52
N SER C 161 -18.73 1.51 -27.31
CA SER C 161 -17.42 1.98 -27.73
C SER C 161 -17.41 2.12 -29.25
N TRP C 162 -16.35 2.73 -29.77
CA TRP C 162 -16.24 2.97 -31.21
C TRP C 162 -14.87 2.48 -31.67
N ASN C 163 -14.86 1.53 -32.62
CA ASN C 163 -13.64 0.91 -33.10
C ASN C 163 -12.83 0.31 -31.94
N SER C 164 -13.54 -0.41 -31.05
CA SER C 164 -12.95 -1.14 -29.92
C SER C 164 -12.11 -0.22 -29.03
N GLY C 165 -12.62 0.99 -28.79
CA GLY C 165 -11.94 1.93 -27.91
C GLY C 165 -10.92 2.82 -28.61
N ALA C 166 -10.68 2.62 -29.89
CA ALA C 166 -9.69 3.41 -30.61
C ALA C 166 -10.23 4.76 -31.07
N LEU C 167 -11.49 5.04 -30.81
CA LEU C 167 -12.14 6.26 -31.31
C LEU C 167 -12.93 6.87 -30.15
N THR C 168 -12.40 7.96 -29.60
CA THR C 168 -13.05 8.66 -28.51
C THR C 168 -13.38 10.11 -28.82
N SER C 169 -12.64 10.75 -29.71
CA SER C 169 -12.85 12.17 -30.00
C SER C 169 -14.15 12.34 -30.79
N GLY C 170 -15.00 13.26 -30.33
CA GLY C 170 -16.23 13.54 -31.01
C GLY C 170 -17.40 12.65 -30.65
N VAL C 171 -17.19 11.67 -29.77
CA VAL C 171 -18.24 10.74 -29.39
C VAL C 171 -19.20 11.42 -28.42
N HIS C 172 -20.49 11.19 -28.63
CA HIS C 172 -21.53 11.57 -27.68
C HIS C 172 -22.46 10.37 -27.54
N THR C 173 -22.45 9.74 -26.38
CA THR C 173 -23.39 8.67 -26.07
C THR C 173 -24.44 9.26 -25.14
N PHE C 174 -25.67 9.34 -25.62
CA PHE C 174 -26.71 10.09 -24.93
C PHE C 174 -27.22 9.30 -23.75
N PRO C 175 -27.79 9.99 -22.75
CA PRO C 175 -28.49 9.28 -21.68
C PRO C 175 -29.64 8.46 -22.25
N ALA C 176 -29.83 7.28 -21.69
CA ALA C 176 -30.97 6.45 -22.05
C ALA C 176 -32.27 7.15 -21.69
N VAL C 177 -33.26 7.01 -22.56
CA VAL C 177 -34.62 7.47 -22.31
C VAL C 177 -35.51 6.25 -22.16
N LEU C 178 -36.41 6.30 -21.19
CA LEU C 178 -37.36 5.20 -20.97
C LEU C 178 -38.62 5.46 -21.80
N GLN C 179 -38.79 4.68 -22.86
CA GLN C 179 -39.94 4.83 -23.75
C GLN C 179 -41.23 4.40 -23.04
N SER C 180 -42.36 4.70 -23.70
CA SER C 180 -43.64 4.16 -23.27
C SER C 180 -43.64 2.64 -23.31
N SER C 181 -42.80 2.07 -24.17
CA SER C 181 -42.58 0.63 -24.21
C SER C 181 -42.27 0.03 -22.85
N GLY C 182 -41.78 0.83 -21.90
CA GLY C 182 -41.22 0.30 -20.67
C GLY C 182 -39.77 -0.09 -20.78
N LEU C 183 -39.21 -0.10 -21.98
CA LEU C 183 -37.81 -0.43 -22.23
C LEU C 183 -37.02 0.84 -22.51
N TYR C 184 -35.71 0.73 -22.34
CA TYR C 184 -34.81 1.86 -22.55
C TYR C 184 -34.34 1.92 -24.00
N SER C 185 -33.98 3.13 -24.44
CA SER C 185 -33.38 3.34 -25.74
C SER C 185 -32.36 4.48 -25.64
N LEU C 186 -31.28 4.36 -26.40
CA LEU C 186 -30.36 5.47 -26.59
C LEU C 186 -29.70 5.36 -27.96
N SER C 187 -28.93 6.39 -28.30
CA SER C 187 -28.07 6.40 -29.47
C SER C 187 -26.70 6.93 -29.09
N SER C 188 -25.69 6.47 -29.82
CA SER C 188 -24.32 6.94 -29.67
C SER C 188 -23.87 7.49 -31.02
N VAL C 189 -23.41 8.74 -31.04
CA VAL C 189 -23.01 9.41 -32.27
C VAL C 189 -21.55 9.84 -32.17
N VAL C 190 -20.95 10.03 -33.34
CA VAL C 190 -19.58 10.53 -33.43
C VAL C 190 -19.48 11.38 -34.69
N THR C 191 -18.72 12.46 -34.61
CA THR C 191 -18.40 13.28 -35.78
C THR C 191 -17.01 12.93 -36.29
N VAL C 192 -16.91 12.68 -37.59
CA VAL C 192 -15.67 12.23 -38.23
C VAL C 192 -15.45 13.09 -39.48
N PRO C 193 -14.22 13.15 -39.97
CA PRO C 193 -13.96 13.89 -41.22
C PRO C 193 -14.68 13.24 -42.39
N SER C 194 -15.28 14.09 -43.24
CA SER C 194 -15.94 13.59 -44.44
C SER C 194 -14.96 12.85 -45.35
N SER C 195 -13.67 13.18 -45.27
CA SER C 195 -12.67 12.56 -46.12
C SER C 195 -12.46 11.10 -45.79
N SER C 196 -12.74 10.70 -44.55
CA SER C 196 -12.46 9.34 -44.09
C SER C 196 -13.52 8.33 -44.53
N LEU C 197 -14.65 8.78 -45.04
CA LEU C 197 -15.72 7.87 -45.42
C LEU C 197 -15.28 7.02 -46.62
N GLY C 198 -15.44 5.71 -46.51
CA GLY C 198 -15.02 4.80 -47.55
C GLY C 198 -13.63 4.24 -47.36
N THR C 199 -12.75 4.93 -46.64
CA THR C 199 -11.40 4.45 -46.36
C THR C 199 -11.21 3.98 -44.92
N GLN C 200 -11.95 4.55 -43.97
CA GLN C 200 -11.88 4.15 -42.57
C GLN C 200 -13.21 3.53 -42.17
N THR C 201 -13.14 2.38 -41.50
CA THR C 201 -14.33 1.68 -41.04
C THR C 201 -14.68 2.11 -39.62
N TYR C 202 -15.98 2.18 -39.33
CA TYR C 202 -16.47 2.66 -38.04
C TYR C 202 -17.42 1.62 -37.45
N ILE C 203 -17.01 1.01 -36.33
CA ILE C 203 -17.77 -0.02 -35.64
C ILE C 203 -18.21 0.52 -34.30
N CYS C 204 -19.46 0.28 -33.93
CA CYS C 204 -19.95 0.57 -32.58
C CYS C 204 -20.08 -0.75 -31.83
N ASN C 205 -19.38 -0.84 -30.70
CA ASN C 205 -19.36 -2.05 -29.88
C ASN C 205 -20.32 -1.83 -28.72
N VAL C 206 -21.50 -2.43 -28.80
CA VAL C 206 -22.53 -2.33 -27.79
C VAL C 206 -22.46 -3.57 -26.91
N ASN C 207 -22.73 -3.40 -25.62
CA ASN C 207 -22.81 -4.54 -24.73
C ASN C 207 -23.85 -4.28 -23.65
N HIS C 208 -24.74 -5.25 -23.43
CA HIS C 208 -25.78 -5.19 -22.41
C HIS C 208 -25.58 -6.40 -21.53
N LYS C 209 -24.76 -6.25 -20.49
CA LYS C 209 -24.40 -7.38 -19.65
C LYS C 209 -25.59 -8.08 -19.01
N PRO C 210 -26.66 -7.39 -18.56
CA PRO C 210 -27.79 -8.12 -17.97
C PRO C 210 -28.40 -9.16 -18.89
N SER C 211 -28.35 -8.95 -20.20
CA SER C 211 -28.87 -9.91 -21.18
C SER C 211 -27.75 -10.64 -21.93
N ASN C 212 -26.50 -10.41 -21.55
CA ASN C 212 -25.34 -11.04 -22.20
C ASN C 212 -25.31 -10.76 -23.71
N THR C 213 -25.75 -9.56 -24.09
CA THR C 213 -25.81 -9.16 -25.49
C THR C 213 -24.52 -8.43 -25.89
N LYS C 214 -23.94 -8.82 -27.02
CA LYS C 214 -22.69 -8.28 -27.52
C LYS C 214 -22.83 -8.10 -29.02
N VAL C 215 -22.95 -6.87 -29.48
CA VAL C 215 -23.16 -6.56 -30.89
C VAL C 215 -22.07 -5.60 -31.33
N ASP C 216 -21.46 -5.89 -32.48
CA ASP C 216 -20.49 -5.00 -33.13
C ASP C 216 -21.07 -4.67 -34.50
N LYS C 217 -21.80 -3.57 -34.59
CA LYS C 217 -22.50 -3.19 -35.82
C LYS C 217 -21.65 -2.22 -36.63
N LYS C 218 -21.30 -2.62 -37.84
CA LYS C 218 -20.55 -1.75 -38.74
C LYS C 218 -21.49 -0.69 -39.32
N VAL C 219 -21.06 0.56 -39.26
CA VAL C 219 -21.81 1.67 -39.84
C VAL C 219 -21.09 2.06 -41.13
N GLU C 220 -21.82 2.01 -42.24
CA GLU C 220 -21.31 2.29 -43.57
C GLU C 220 -22.15 3.37 -44.22
N PRO C 221 -21.56 4.19 -45.10
CA PRO C 221 -22.27 5.24 -45.84
C PRO C 221 -23.49 4.73 -46.61
N ASP D 1 -31.46 13.30 12.76
CA ASP D 1 -30.44 13.43 11.73
C ASP D 1 -30.00 14.87 11.56
N ILE D 2 -28.77 15.03 11.08
CA ILE D 2 -28.23 16.34 10.73
C ILE D 2 -28.55 16.62 9.27
N LEU D 3 -29.19 17.76 9.02
CA LEU D 3 -29.61 18.17 7.69
C LEU D 3 -28.54 19.09 7.09
N MET D 4 -28.17 18.84 5.85
CA MET D 4 -27.21 19.67 5.12
C MET D 4 -27.97 20.39 4.01
N THR D 5 -28.06 21.72 4.11
CA THR D 5 -28.82 22.55 3.18
C THR D 5 -27.84 23.36 2.34
N GLN D 6 -27.69 22.99 1.07
CA GLN D 6 -26.86 23.74 0.14
C GLN D 6 -27.70 24.78 -0.60
N THR D 7 -27.13 25.97 -0.76
CA THR D 7 -27.71 27.04 -1.58
C THR D 7 -26.58 27.67 -2.37
N PRO D 8 -26.79 27.98 -3.66
CA PRO D 8 -27.99 27.59 -4.41
C PRO D 8 -27.96 26.13 -4.85
N LEU D 9 -29.08 25.61 -5.35
CA LEU D 9 -29.14 24.23 -5.84
C LEU D 9 -28.55 24.09 -7.23
N SER D 10 -28.49 25.18 -7.99
CA SER D 10 -27.88 25.20 -9.30
C SER D 10 -27.28 26.58 -9.50
N LEU D 11 -26.35 26.69 -10.44
CA LEU D 11 -25.73 27.98 -10.71
C LEU D 11 -25.12 27.94 -12.10
N SER D 12 -25.05 29.10 -12.74
CA SER D 12 -24.43 29.26 -14.05
C SER D 12 -23.43 30.40 -13.95
N VAL D 13 -22.13 30.10 -14.06
CA VAL D 13 -21.07 31.08 -13.86
C VAL D 13 -20.35 31.33 -15.17
N THR D 14 -20.04 32.60 -15.41
CA THR D 14 -19.15 32.94 -16.52
C THR D 14 -17.74 32.46 -16.19
N PRO D 15 -17.07 31.76 -17.11
CA PRO D 15 -15.73 31.26 -16.82
C PRO D 15 -14.77 32.41 -16.54
N GLY D 16 -13.89 32.18 -15.57
CA GLY D 16 -13.01 33.20 -15.05
C GLY D 16 -13.54 33.88 -13.81
N GLN D 17 -14.86 34.00 -13.68
CA GLN D 17 -15.48 34.61 -12.51
C GLN D 17 -15.55 33.61 -11.36
N PRO D 18 -15.57 34.09 -10.12
CA PRO D 18 -15.64 33.17 -8.98
C PRO D 18 -17.03 32.58 -8.83
N ALA D 19 -17.09 31.49 -8.04
CA ALA D 19 -18.33 30.85 -7.65
C ALA D 19 -18.24 30.48 -6.18
N SER D 20 -19.35 30.63 -5.46
CA SER D 20 -19.39 30.33 -4.04
C SER D 20 -20.63 29.50 -3.74
N ILE D 21 -20.45 28.42 -2.99
CA ILE D 21 -21.52 27.48 -2.65
C ILE D 21 -21.60 27.35 -1.13
N SER D 22 -22.79 27.59 -0.58
CA SER D 22 -22.98 27.59 0.86
C SER D 22 -23.56 26.26 1.33
N CYS D 23 -23.06 25.77 2.46
CA CYS D 23 -23.58 24.59 3.13
C CYS D 23 -23.91 24.97 4.56
N LYS D 24 -25.16 24.71 4.97
CA LYS D 24 -25.61 24.98 6.33
C LYS D 24 -26.05 23.66 6.94
N SER D 25 -25.48 23.33 8.09
CA SER D 25 -25.84 22.13 8.83
C SER D 25 -26.77 22.49 9.98
N SER D 26 -27.71 21.58 10.28
CA SER D 26 -28.64 21.81 11.38
C SER D 26 -27.97 21.71 12.74
N GLN D 27 -26.76 21.16 12.82
CA GLN D 27 -26.04 21.04 14.08
C GLN D 27 -24.56 21.31 13.84
N SER D 28 -23.86 21.67 14.92
CA SER D 28 -22.43 21.92 14.85
C SER D 28 -21.69 20.66 14.44
N LEU D 29 -20.68 20.85 13.59
CA LEU D 29 -19.83 19.74 13.16
C LEU D 29 -18.47 19.74 13.85
N LEU D 30 -18.31 20.53 14.92
CA LEU D 30 -17.08 20.53 15.71
C LEU D 30 -17.05 19.35 16.67
N ASP D 31 -15.93 18.63 16.70
CA ASP D 31 -15.75 17.50 17.60
C ASP D 31 -14.81 17.86 18.76
N ASN D 32 -14.73 16.94 19.73
CA ASN D 32 -13.93 17.16 20.94
C ASN D 32 -12.42 17.23 20.64
N ASP D 33 -11.98 16.70 19.49
CA ASP D 33 -10.59 16.79 19.09
C ASP D 33 -10.25 18.14 18.44
N GLY D 34 -11.22 19.06 18.38
CA GLY D 34 -10.99 20.36 17.79
C GLY D 34 -11.09 20.41 16.28
N LYS D 35 -11.30 19.29 15.61
CA LYS D 35 -11.52 19.28 14.18
C LYS D 35 -13.01 19.41 13.87
N THR D 36 -13.32 20.03 12.73
CA THR D 36 -14.69 20.18 12.28
C THR D 36 -14.89 19.24 11.10
N TYR D 37 -15.91 18.39 11.18
CA TYR D 37 -16.00 17.25 10.26
C TYR D 37 -16.93 17.60 9.09
N LEU D 38 -16.42 18.49 8.23
CA LEU D 38 -17.13 18.95 7.04
C LEU D 38 -16.24 18.71 5.81
N TYR D 39 -16.79 18.01 4.82
CA TYR D 39 -16.09 17.64 3.60
C TYR D 39 -16.86 18.11 2.37
N TRP D 40 -16.12 18.45 1.32
CA TRP D 40 -16.68 18.86 0.04
C TRP D 40 -16.29 17.85 -1.02
N TYR D 41 -17.30 17.34 -1.74
CA TYR D 41 -17.09 16.41 -2.84
C TYR D 41 -17.54 17.04 -4.15
N LEU D 42 -16.89 16.64 -5.23
CA LEU D 42 -17.32 17.00 -6.58
C LEU D 42 -17.59 15.72 -7.35
N GLN D 43 -18.73 15.65 -8.02
CA GLN D 43 -19.01 14.57 -8.95
C GLN D 43 -19.15 15.16 -10.34
N LYS D 44 -18.18 14.84 -11.20
CA LYS D 44 -18.19 15.29 -12.58
C LYS D 44 -19.11 14.40 -13.39
N PRO D 45 -19.60 14.87 -14.54
CA PRO D 45 -20.58 14.08 -15.29
C PRO D 45 -19.98 12.76 -15.74
N GLY D 46 -20.66 11.67 -15.40
CA GLY D 46 -20.22 10.34 -15.76
C GLY D 46 -19.13 9.77 -14.88
N GLN D 47 -18.85 10.39 -13.74
CA GLN D 47 -17.73 9.99 -12.90
C GLN D 47 -18.21 9.70 -11.48
N SER D 48 -17.30 9.14 -10.71
CA SER D 48 -17.49 8.91 -9.29
C SER D 48 -17.28 10.20 -8.51
N PRO D 49 -17.85 10.30 -7.31
CA PRO D 49 -17.53 11.44 -6.44
C PRO D 49 -16.04 11.50 -6.14
N GLN D 50 -15.51 12.71 -6.06
CA GLN D 50 -14.11 12.90 -5.73
C GLN D 50 -13.99 13.95 -4.64
N LEU D 51 -13.04 13.75 -3.73
CA LEU D 51 -12.91 14.65 -2.59
C LEU D 51 -12.20 15.92 -3.01
N LEU D 52 -12.79 17.07 -2.69
CA LEU D 52 -12.11 18.34 -2.92
C LEU D 52 -11.48 18.91 -1.66
N ILE D 53 -12.25 18.97 -0.58
CA ILE D 53 -11.83 19.66 0.64
C ILE D 53 -12.20 18.77 1.81
N TYR D 54 -11.29 18.66 2.79
CA TYR D 54 -11.56 17.95 4.02
C TYR D 54 -11.34 18.88 5.22
N GLU D 55 -12.14 18.66 6.26
CA GLU D 55 -12.11 19.48 7.48
C GLU D 55 -12.17 20.97 7.17
N VAL D 56 -13.24 21.34 6.44
CA VAL D 56 -13.65 22.73 6.20
C VAL D 56 -12.80 23.39 5.11
N SER D 57 -11.48 23.32 5.25
CA SER D 57 -10.62 24.22 4.50
C SER D 57 -9.35 23.59 3.94
N ASN D 58 -9.15 22.29 4.08
CA ASN D 58 -7.91 21.65 3.62
C ASN D 58 -8.14 21.04 2.25
N ARG D 59 -7.32 21.42 1.28
CA ARG D 59 -7.41 20.81 -0.04
C ARG D 59 -6.85 19.39 -0.01
N PHE D 60 -7.59 18.47 -0.59
CA PHE D 60 -7.02 17.14 -0.82
C PHE D 60 -5.87 17.24 -1.81
N SER D 61 -4.99 16.26 -1.79
CA SER D 61 -3.80 16.26 -2.63
C SER D 61 -4.17 16.34 -4.11
N GLY D 62 -3.49 17.22 -4.83
CA GLY D 62 -3.73 17.38 -6.25
C GLY D 62 -4.91 18.23 -6.63
N VAL D 63 -5.64 18.79 -5.67
CA VAL D 63 -6.78 19.65 -5.97
C VAL D 63 -6.25 21.06 -6.30
N PRO D 64 -6.73 21.68 -7.38
CA PRO D 64 -6.22 23.01 -7.76
C PRO D 64 -6.42 24.06 -6.68
N GLU D 65 -5.56 25.08 -6.71
CA GLU D 65 -5.57 26.12 -5.68
C GLU D 65 -6.77 27.05 -5.80
N ARG D 66 -7.40 27.12 -6.97
CA ARG D 66 -8.60 27.92 -7.09
C ARG D 66 -9.74 27.40 -6.23
N PHE D 67 -9.64 26.20 -5.68
CA PHE D 67 -10.66 25.67 -4.78
C PHE D 67 -10.26 25.96 -3.33
N SER D 68 -11.18 26.55 -2.57
CA SER D 68 -10.93 26.78 -1.15
C SER D 68 -12.23 26.69 -0.38
N GLY D 69 -12.11 26.43 0.91
CA GLY D 69 -13.27 26.34 1.78
C GLY D 69 -13.02 27.10 3.06
N SER D 70 -14.13 27.46 3.71
CA SER D 70 -14.08 28.21 4.96
C SER D 70 -15.37 27.96 5.72
N GLY D 71 -15.40 28.41 6.96
CA GLY D 71 -16.61 28.31 7.76
C GLY D 71 -16.36 27.92 9.20
N SER D 72 -17.42 27.94 10.01
CA SER D 72 -17.33 27.61 11.43
C SER D 72 -18.69 27.12 11.91
N GLY D 73 -18.67 26.07 12.72
CA GLY D 73 -19.89 25.55 13.29
C GLY D 73 -20.84 24.95 12.27
N THR D 74 -21.86 25.72 11.88
CA THR D 74 -22.89 25.23 10.98
C THR D 74 -22.92 25.93 9.63
N ASP D 75 -22.09 26.94 9.41
CA ASP D 75 -22.09 27.69 8.16
C ASP D 75 -20.78 27.49 7.43
N PHE D 76 -20.85 27.02 6.19
CA PHE D 76 -19.66 26.69 5.42
C PHE D 76 -19.79 27.18 4.00
N THR D 77 -18.64 27.53 3.41
CA THR D 77 -18.61 28.04 2.05
C THR D 77 -17.47 27.40 1.27
N LEU D 78 -17.79 26.90 0.07
CA LEU D 78 -16.79 26.46 -0.89
C LEU D 78 -16.70 27.48 -2.00
N LYS D 79 -15.49 27.96 -2.27
CA LYS D 79 -15.24 29.00 -3.24
C LYS D 79 -14.37 28.46 -4.36
N ILE D 80 -14.79 28.67 -5.60
CA ILE D 80 -13.97 28.43 -6.78
C ILE D 80 -13.55 29.80 -7.29
N ARG D 81 -12.26 30.13 -7.11
CA ARG D 81 -11.80 31.50 -7.34
C ARG D 81 -11.91 31.89 -8.81
N ARG D 82 -11.65 30.95 -9.72
CA ARG D 82 -11.73 31.20 -11.16
C ARG D 82 -12.32 29.93 -11.79
N VAL D 83 -13.62 29.94 -12.08
CA VAL D 83 -14.27 28.74 -12.57
C VAL D 83 -13.73 28.40 -13.95
N GLU D 84 -13.38 27.14 -14.15
CA GLU D 84 -12.91 26.63 -15.43
C GLU D 84 -13.91 25.60 -15.96
N ALA D 85 -13.81 25.32 -17.26
CA ALA D 85 -14.76 24.41 -17.90
C ALA D 85 -14.70 23.02 -17.29
N GLU D 86 -13.53 22.61 -16.80
CA GLU D 86 -13.38 21.28 -16.20
C GLU D 86 -14.09 21.16 -14.86
N ASP D 87 -14.44 22.28 -14.23
CA ASP D 87 -15.12 22.23 -12.94
C ASP D 87 -16.63 22.00 -13.03
N VAL D 88 -17.19 21.78 -14.22
CA VAL D 88 -18.63 21.53 -14.32
C VAL D 88 -18.99 20.23 -13.62
N GLY D 89 -20.12 20.23 -12.92
CA GLY D 89 -20.55 19.03 -12.23
C GLY D 89 -21.44 19.38 -11.05
N VAL D 90 -21.51 18.48 -10.08
CA VAL D 90 -22.37 18.64 -8.92
C VAL D 90 -21.52 18.57 -7.66
N TYR D 91 -21.60 19.62 -6.84
CA TYR D 91 -20.80 19.74 -5.63
C TYR D 91 -21.66 19.41 -4.42
N TYR D 92 -21.14 18.55 -3.54
CA TYR D 92 -21.82 18.09 -2.35
C TYR D 92 -20.99 18.42 -1.12
N CYS D 93 -21.67 18.83 -0.05
CA CYS D 93 -21.03 18.86 1.26
C CYS D 93 -21.47 17.63 2.05
N MET D 94 -20.60 17.19 2.96
CA MET D 94 -20.87 16.01 3.78
C MET D 94 -20.36 16.25 5.19
N GLN D 95 -21.10 15.73 6.16
CA GLN D 95 -20.70 15.75 7.55
C GLN D 95 -20.56 14.32 8.04
N ARG D 96 -19.62 14.11 8.99
CA ARG D 96 -19.65 12.83 9.68
C ARG D 96 -19.41 13.00 11.19
N ILE D 97 -19.79 14.13 11.77
CA ILE D 97 -19.74 14.25 13.22
C ILE D 97 -20.71 13.27 13.90
N ASP D 98 -21.73 12.82 13.17
CA ASP D 98 -22.80 12.02 13.74
C ASP D 98 -23.28 10.99 12.72
N LEU D 99 -23.90 9.92 13.23
CA LEU D 99 -24.63 8.96 12.39
C LEU D 99 -26.07 9.41 12.24
N PRO D 100 -26.65 9.31 11.03
CA PRO D 100 -26.00 8.88 9.80
C PRO D 100 -25.12 9.98 9.19
N TRP D 101 -24.04 9.60 8.51
CA TRP D 101 -23.35 10.54 7.63
C TRP D 101 -24.36 11.09 6.62
N THR D 102 -24.40 12.42 6.47
CA THR D 102 -25.42 13.04 5.63
C THR D 102 -24.77 14.00 4.65
N PHE D 103 -25.32 14.03 3.44
CA PHE D 103 -24.91 14.92 2.37
C PHE D 103 -25.92 16.05 2.22
N GLY D 104 -25.49 17.14 1.59
CA GLY D 104 -26.41 18.11 1.06
C GLY D 104 -27.04 17.62 -0.24
N GLN D 105 -28.01 18.38 -0.74
CA GLN D 105 -28.72 17.96 -1.94
C GLN D 105 -27.87 18.07 -3.20
N GLY D 106 -26.74 18.78 -3.13
CA GLY D 106 -25.88 18.96 -4.28
C GLY D 106 -26.16 20.24 -5.04
N THR D 107 -25.11 20.94 -5.45
CA THR D 107 -25.21 22.14 -6.27
C THR D 107 -24.66 21.84 -7.66
N LYS D 108 -25.52 21.93 -8.67
CA LYS D 108 -25.07 21.73 -10.06
C LYS D 108 -24.47 23.03 -10.57
N VAL D 109 -23.24 22.96 -11.06
CA VAL D 109 -22.51 24.12 -11.55
C VAL D 109 -22.49 24.01 -13.07
N GLU D 110 -23.24 24.88 -13.74
CA GLU D 110 -23.11 25.06 -15.18
C GLU D 110 -22.15 26.23 -15.39
N ILE D 111 -21.35 26.15 -16.44
CA ILE D 111 -20.50 27.27 -16.78
C ILE D 111 -21.01 27.87 -18.08
N LYS D 112 -20.97 29.18 -18.17
CA LYS D 112 -21.41 29.79 -19.40
C LYS D 112 -20.28 29.74 -20.43
N ARG D 113 -20.66 29.93 -21.68
CA ARG D 113 -19.72 30.08 -22.77
C ARG D 113 -20.45 30.88 -23.83
N THR D 114 -19.70 31.33 -24.83
CA THR D 114 -20.37 32.09 -25.88
C THR D 114 -21.38 31.20 -26.60
N VAL D 115 -22.35 31.85 -27.25
CA VAL D 115 -23.40 31.11 -27.92
C VAL D 115 -22.78 30.32 -29.07
N ALA D 116 -23.21 29.06 -29.18
CA ALA D 116 -22.80 28.18 -30.27
C ALA D 116 -24.05 27.59 -30.90
N ALA D 117 -24.23 27.85 -32.19
CA ALA D 117 -25.32 27.24 -32.93
C ALA D 117 -25.03 25.75 -33.15
N PRO D 118 -26.04 24.90 -33.03
CA PRO D 118 -25.79 23.46 -33.23
C PRO D 118 -25.60 23.14 -34.70
N SER D 119 -24.72 22.17 -34.95
CA SER D 119 -24.71 21.49 -36.24
C SER D 119 -25.81 20.42 -36.21
N VAL D 120 -26.61 20.37 -37.27
CA VAL D 120 -27.82 19.54 -37.28
C VAL D 120 -27.65 18.43 -38.31
N PHE D 121 -27.97 17.20 -37.91
CA PHE D 121 -27.93 16.03 -38.77
C PHE D 121 -29.21 15.23 -38.60
N ILE D 122 -29.78 14.76 -39.71
CA ILE D 122 -30.97 13.93 -39.69
C ILE D 122 -30.62 12.54 -40.20
N PHE D 123 -31.21 11.51 -39.59
CA PHE D 123 -30.88 10.11 -39.87
C PHE D 123 -32.16 9.33 -40.18
N PRO D 124 -32.31 8.79 -41.39
CA PRO D 124 -33.49 7.98 -41.70
C PRO D 124 -33.41 6.62 -41.05
N PRO D 125 -34.53 5.91 -40.92
CA PRO D 125 -34.49 4.58 -40.32
C PRO D 125 -33.71 3.60 -41.18
N SER D 126 -33.04 2.67 -40.52
CA SER D 126 -32.27 1.64 -41.21
C SER D 126 -33.21 0.65 -41.90
N ASP D 127 -32.65 -0.16 -42.78
CA ASP D 127 -33.44 -1.20 -43.43
C ASP D 127 -33.77 -2.33 -42.47
N GLU D 128 -32.83 -2.67 -41.58
CA GLU D 128 -33.07 -3.77 -40.66
C GLU D 128 -34.19 -3.45 -39.67
N GLN D 129 -34.30 -2.19 -39.24
CA GLN D 129 -35.35 -1.82 -38.29
C GLN D 129 -36.73 -1.83 -38.95
N LEU D 130 -36.80 -1.50 -40.23
CA LEU D 130 -38.10 -1.49 -40.92
C LEU D 130 -38.68 -2.89 -41.04
N LYS D 131 -37.84 -3.92 -40.98
CA LYS D 131 -38.34 -5.29 -40.97
C LYS D 131 -39.10 -5.62 -39.68
N SER D 132 -38.71 -4.99 -38.56
CA SER D 132 -39.36 -5.23 -37.28
C SER D 132 -40.72 -4.54 -37.17
N GLY D 133 -41.10 -3.71 -38.13
CA GLY D 133 -42.35 -3.00 -38.08
C GLY D 133 -42.31 -1.64 -37.41
N THR D 134 -41.12 -1.12 -37.12
CA THR D 134 -40.94 0.14 -36.42
C THR D 134 -39.99 1.02 -37.21
N ALA D 135 -40.28 2.32 -37.24
CA ALA D 135 -39.44 3.30 -37.93
C ALA D 135 -38.94 4.32 -36.93
N SER D 136 -37.62 4.42 -36.79
CA SER D 136 -36.97 5.40 -35.93
C SER D 136 -36.22 6.39 -36.80
N VAL D 137 -36.55 7.67 -36.66
CA VAL D 137 -35.84 8.76 -37.32
C VAL D 137 -35.22 9.63 -36.22
N VAL D 138 -33.96 10.04 -36.43
CA VAL D 138 -33.16 10.69 -35.40
C VAL D 138 -32.65 12.03 -35.94
N CYS D 139 -32.85 13.09 -35.17
CA CYS D 139 -32.25 14.38 -35.45
C CYS D 139 -31.22 14.69 -34.39
N LEU D 140 -30.03 15.08 -34.82
CA LEU D 140 -28.91 15.31 -33.91
C LEU D 140 -28.56 16.79 -33.89
N LEU D 141 -28.61 17.41 -32.71
CA LEU D 141 -28.11 18.75 -32.48
C LEU D 141 -26.79 18.63 -31.72
N ASN D 142 -25.71 19.12 -32.31
CA ASN D 142 -24.38 18.81 -31.81
C ASN D 142 -23.62 20.07 -31.39
N ASN D 143 -23.09 20.04 -30.17
CA ASN D 143 -22.07 20.98 -29.69
C ASN D 143 -22.60 22.42 -29.67
N PHE D 144 -23.74 22.62 -29.01
CA PHE D 144 -24.38 23.92 -28.95
C PHE D 144 -24.48 24.46 -27.52
N TYR D 145 -24.74 25.77 -27.45
CA TYR D 145 -24.94 26.51 -26.20
C TYR D 145 -25.72 27.78 -26.55
N PRO D 146 -26.72 28.19 -25.75
CA PRO D 146 -27.18 27.55 -24.50
C PRO D 146 -27.98 26.28 -24.71
N ARG D 147 -28.38 25.64 -23.60
CA ARG D 147 -29.03 24.33 -23.70
C ARG D 147 -30.42 24.41 -24.29
N GLU D 148 -31.09 25.57 -24.19
CA GLU D 148 -32.44 25.70 -24.71
C GLU D 148 -32.44 25.51 -26.23
N ALA D 149 -33.32 24.63 -26.71
CA ALA D 149 -33.44 24.38 -28.13
C ALA D 149 -34.82 23.80 -28.41
N LYS D 150 -35.43 24.23 -29.51
CA LYS D 150 -36.75 23.76 -29.92
C LYS D 150 -36.59 22.91 -31.16
N VAL D 151 -36.85 21.62 -31.03
CA VAL D 151 -36.74 20.65 -32.13
C VAL D 151 -38.14 20.21 -32.50
N GLN D 152 -38.51 20.37 -33.77
CA GLN D 152 -39.86 20.09 -34.23
C GLN D 152 -39.80 19.18 -35.45
N TRP D 153 -40.51 18.07 -35.39
CA TRP D 153 -40.56 17.12 -36.49
C TRP D 153 -41.70 17.51 -37.43
N LYS D 154 -41.41 17.51 -38.73
CA LYS D 154 -42.38 17.83 -39.78
C LYS D 154 -42.41 16.67 -40.76
N VAL D 155 -43.58 16.08 -40.97
CA VAL D 155 -43.77 15.02 -41.93
C VAL D 155 -44.69 15.51 -43.03
N ASP D 156 -44.16 15.56 -44.26
CA ASP D 156 -44.80 16.26 -45.37
C ASP D 156 -45.26 17.65 -44.94
N ASN D 157 -44.42 18.32 -44.15
CA ASN D 157 -44.59 19.67 -43.62
C ASN D 157 -45.70 19.78 -42.58
N ALA D 158 -46.22 18.67 -42.10
CA ALA D 158 -47.18 18.66 -41.00
C ALA D 158 -46.44 18.55 -39.68
N LEU D 159 -46.66 19.50 -38.77
CA LEU D 159 -45.97 19.53 -37.48
C LEU D 159 -46.43 18.34 -36.64
N GLN D 160 -45.50 17.44 -36.33
CA GLN D 160 -45.78 16.27 -35.53
C GLN D 160 -45.88 16.61 -34.05
N SER D 161 -46.63 15.78 -33.33
CA SER D 161 -46.74 15.88 -31.89
C SER D 161 -46.96 14.50 -31.31
N GLY D 162 -46.24 14.20 -30.23
CA GLY D 162 -46.50 13.01 -29.45
C GLY D 162 -45.71 11.78 -29.84
N ASN D 163 -44.95 11.82 -30.93
CA ASN D 163 -44.22 10.64 -31.40
C ASN D 163 -42.71 10.82 -31.32
N SER D 164 -42.22 11.76 -30.51
CA SER D 164 -40.79 12.02 -30.44
C SER D 164 -40.33 12.13 -28.99
N GLN D 165 -39.07 11.76 -28.76
CA GLN D 165 -38.45 11.79 -27.45
C GLN D 165 -37.04 12.35 -27.56
N GLU D 166 -36.69 13.21 -26.59
CA GLU D 166 -35.42 13.93 -26.61
C GLU D 166 -34.47 13.36 -25.57
N SER D 167 -33.18 13.49 -25.84
CA SER D 167 -32.13 13.19 -24.88
C SER D 167 -31.03 14.22 -25.07
N VAL D 168 -30.46 14.70 -23.97
CA VAL D 168 -29.43 15.72 -24.02
C VAL D 168 -28.27 15.29 -23.13
N THR D 169 -27.05 15.46 -23.64
CA THR D 169 -25.87 15.13 -22.85
C THR D 169 -25.66 16.18 -21.76
N GLU D 170 -24.91 15.79 -20.74
CA GLU D 170 -24.45 16.79 -19.79
C GLU D 170 -23.41 17.68 -20.46
N GLN D 171 -23.21 18.86 -19.88
CA GLN D 171 -22.29 19.83 -20.45
C GLN D 171 -20.89 19.23 -20.59
N ASP D 172 -20.28 19.39 -21.76
CA ASP D 172 -18.95 18.85 -22.02
C ASP D 172 -17.92 19.55 -21.15
N SER D 173 -16.90 18.80 -20.75
CA SER D 173 -15.87 19.33 -19.85
C SER D 173 -14.75 20.06 -20.57
N LYS D 174 -14.60 19.90 -21.87
CA LYS D 174 -13.58 20.62 -22.64
C LYS D 174 -14.15 21.86 -23.32
N ASP D 175 -15.29 21.74 -24.02
CA ASP D 175 -15.84 22.86 -24.77
C ASP D 175 -17.11 23.44 -24.16
N SER D 176 -17.69 22.80 -23.16
CA SER D 176 -18.81 23.33 -22.38
C SER D 176 -20.10 23.41 -23.19
N THR D 177 -20.25 22.56 -24.19
CA THR D 177 -21.49 22.53 -24.97
C THR D 177 -22.31 21.30 -24.62
N TYR D 178 -23.56 21.34 -25.10
CA TYR D 178 -24.49 20.23 -25.05
C TYR D 178 -24.68 19.66 -26.44
N SER D 179 -25.18 18.42 -26.48
CA SER D 179 -25.69 17.79 -27.68
C SER D 179 -27.04 17.18 -27.34
N LEU D 180 -27.94 17.16 -28.33
CA LEU D 180 -29.32 16.72 -28.13
C LEU D 180 -29.72 15.78 -29.24
N SER D 181 -30.46 14.74 -28.89
CA SER D 181 -31.04 13.83 -29.87
C SER D 181 -32.55 13.87 -29.74
N SER D 182 -33.23 13.85 -30.89
CA SER D 182 -34.69 13.76 -30.95
C SER D 182 -35.02 12.58 -31.86
N THR D 183 -35.77 11.62 -31.33
CA THR D 183 -36.05 10.38 -32.02
C THR D 183 -37.53 10.31 -32.36
N LEU D 184 -37.86 10.41 -33.64
CA LEU D 184 -39.23 10.25 -34.11
C LEU D 184 -39.51 8.76 -34.33
N THR D 185 -40.51 8.24 -33.64
CA THR D 185 -40.86 6.83 -33.71
C THR D 185 -42.25 6.69 -34.31
N LEU D 186 -42.35 6.00 -35.45
CA LEU D 186 -43.62 5.74 -36.10
C LEU D 186 -43.67 4.28 -36.54
N SER D 187 -44.89 3.78 -36.73
CA SER D 187 -45.06 2.44 -37.27
C SER D 187 -44.47 2.35 -38.67
N LYS D 188 -44.08 1.14 -39.06
CA LYS D 188 -43.62 0.92 -40.43
C LYS D 188 -44.70 1.31 -41.43
N ALA D 189 -45.97 1.09 -41.09
CA ALA D 189 -47.05 1.46 -41.99
C ALA D 189 -47.18 2.97 -42.14
N ASP D 190 -47.27 3.68 -41.02
CA ASP D 190 -47.40 5.14 -41.07
C ASP D 190 -46.19 5.78 -41.73
N TYR D 191 -45.02 5.14 -41.62
CA TYR D 191 -43.82 5.69 -42.23
C TYR D 191 -43.85 5.59 -43.75
N GLU D 192 -44.49 4.56 -44.29
CA GLU D 192 -44.57 4.41 -45.73
C GLU D 192 -45.71 5.22 -46.35
N LYS D 193 -46.59 5.79 -45.53
CA LYS D 193 -47.68 6.62 -46.04
C LYS D 193 -47.25 8.06 -46.33
N HIS D 194 -46.09 8.48 -45.83
CA HIS D 194 -45.58 9.82 -46.04
C HIS D 194 -44.20 9.75 -46.67
N LYS D 195 -43.73 10.88 -47.18
CA LYS D 195 -42.50 10.90 -47.98
C LYS D 195 -41.40 11.77 -47.39
N VAL D 196 -41.69 13.03 -47.06
CA VAL D 196 -40.66 13.98 -46.67
C VAL D 196 -40.63 14.10 -45.15
N TYR D 197 -39.51 13.70 -44.55
CA TYR D 197 -39.31 13.79 -43.11
C TYR D 197 -38.26 14.86 -42.83
N ALA D 198 -38.54 15.73 -41.85
CA ALA D 198 -37.68 16.89 -41.64
C ALA D 198 -37.64 17.20 -40.16
N CYS D 199 -36.48 17.65 -39.66
CA CYS D 199 -36.46 18.24 -38.33
C CYS D 199 -35.98 19.68 -38.43
N GLU D 200 -36.71 20.57 -37.76
CA GLU D 200 -36.55 22.01 -37.80
C GLU D 200 -36.09 22.46 -36.43
N VAL D 201 -34.94 23.12 -36.38
CA VAL D 201 -34.26 23.46 -35.13
C VAL D 201 -34.27 24.98 -34.98
N THR D 202 -34.77 25.45 -33.85
CA THR D 202 -34.69 26.86 -33.48
C THR D 202 -33.75 27.00 -32.29
N HIS D 203 -32.79 27.92 -32.39
CA HIS D 203 -31.78 28.08 -31.36
C HIS D 203 -31.22 29.50 -31.41
N GLN D 204 -30.87 30.02 -30.23
CA GLN D 204 -30.39 31.40 -30.10
C GLN D 204 -29.22 31.70 -31.05
N GLY D 205 -28.40 30.69 -31.35
CA GLY D 205 -27.25 30.88 -32.23
C GLY D 205 -27.54 30.89 -33.71
N LEU D 206 -28.77 30.60 -34.13
CA LEU D 206 -29.15 30.55 -35.54
C LEU D 206 -29.99 31.76 -35.89
N SER D 207 -29.63 32.44 -37.00
CA SER D 207 -30.37 33.62 -37.44
C SER D 207 -31.85 33.30 -37.66
N SER D 208 -32.14 32.13 -38.20
CA SER D 208 -33.50 31.67 -38.43
C SER D 208 -33.51 30.17 -38.23
N PRO D 209 -34.67 29.57 -37.99
CA PRO D 209 -34.72 28.11 -37.83
C PRO D 209 -34.05 27.41 -39.01
N VAL D 210 -33.29 26.34 -38.69
CA VAL D 210 -32.60 25.51 -39.67
C VAL D 210 -33.37 24.20 -39.83
N THR D 211 -33.53 23.76 -41.07
CA THR D 211 -34.29 22.57 -41.41
C THR D 211 -33.39 21.54 -42.06
N LYS D 212 -33.48 20.30 -41.62
CA LYS D 212 -32.78 19.19 -42.27
C LYS D 212 -33.80 18.13 -42.60
N SER D 213 -33.75 17.61 -43.82
CA SER D 213 -34.82 16.75 -44.32
C SER D 213 -34.25 15.70 -45.27
N PHE D 214 -35.07 14.68 -45.53
CA PHE D 214 -34.75 13.65 -46.49
C PHE D 214 -36.06 13.11 -47.06
N ASN D 215 -35.93 12.37 -48.17
CA ASN D 215 -37.05 11.71 -48.80
C ASN D 215 -36.91 10.20 -48.66
N ARG D 216 -38.04 9.53 -48.46
CA ARG D 216 -38.04 8.09 -48.27
C ARG D 216 -37.31 7.37 -49.39
N GLY D 217 -36.31 6.57 -49.02
CA GLY D 217 -35.50 5.78 -49.94
C GLY D 217 -35.11 6.51 -51.20
N GLU D 218 -34.48 7.68 -51.08
CA GLU D 218 -34.28 8.56 -52.23
C GLU D 218 -32.81 8.87 -52.52
N CYS D 219 -31.87 8.22 -51.83
CA CYS D 219 -30.45 8.15 -52.21
C CYS D 219 -29.68 7.36 -51.16
N ASN E 2 -2.30 3.66 30.74
CA ASN E 2 -3.01 2.70 29.90
C ASN E 2 -3.12 3.18 28.44
N PRO E 3 -3.80 4.31 28.18
CA PRO E 3 -4.09 4.67 26.78
C PRO E 3 -2.88 5.14 25.98
N ASN E 4 -1.85 5.65 26.65
CA ASN E 4 -0.72 6.20 25.91
C ASN E 4 0.14 5.11 25.24
N ALA E 5 -0.14 3.83 25.49
CA ALA E 5 0.53 2.74 24.80
C ALA E 5 -0.15 2.37 23.50
N ASN E 6 -1.37 2.85 23.25
CA ASN E 6 -2.09 2.56 22.02
C ASN E 6 -1.59 3.47 20.91
N PRO E 7 -0.99 2.94 19.85
CA PRO E 7 -0.54 3.79 18.74
C PRO E 7 -1.66 4.21 17.79
N ASN E 8 -2.83 3.56 17.84
CA ASN E 8 -3.89 3.77 16.86
C ASN E 8 -5.14 4.40 17.48
N ALA E 9 -4.96 5.22 18.51
CA ALA E 9 -6.11 5.90 19.11
C ALA E 9 -5.63 7.18 19.77
N ASN E 10 -6.52 8.16 19.82
CA ASN E 10 -6.28 9.37 20.57
C ASN E 10 -6.08 9.04 22.04
N PRO E 11 -4.95 9.42 22.66
CA PRO E 11 -4.74 9.07 24.08
C PRO E 11 -5.62 9.84 25.03
N ASN E 12 -6.33 10.86 24.56
CA ASN E 12 -7.26 11.60 25.38
C ASN E 12 -8.59 10.86 25.49
N ALA E 13 -9.17 10.88 26.68
CA ALA E 13 -10.50 10.34 26.86
C ALA E 13 -11.50 11.16 26.05
N ASN E 14 -12.57 10.49 25.64
CA ASN E 14 -13.68 11.11 24.91
C ASN E 14 -13.21 11.96 23.72
N PRO E 15 -12.58 11.37 22.71
CA PRO E 15 -12.12 12.17 21.57
C PRO E 15 -13.22 12.51 20.58
N ASN E 16 -14.35 11.80 20.60
CA ASN E 16 -15.47 12.04 19.71
C ASN E 16 -16.76 12.06 20.51
N ALA E 17 -17.63 13.01 20.19
CA ALA E 17 -18.94 13.10 20.85
C ALA E 17 -19.83 11.91 20.51
N ASN E 18 -19.76 11.43 19.25
CA ASN E 18 -20.58 10.33 18.76
C ASN E 18 -19.66 9.22 18.27
N PRO E 19 -19.26 8.31 19.16
CA PRO E 19 -18.25 7.30 18.78
C PRO E 19 -18.70 6.39 17.65
N ASN E 20 -20.00 6.09 17.55
CA ASN E 20 -20.47 5.25 16.45
C ASN E 20 -20.31 5.94 15.10
N ALA E 21 -20.20 7.26 15.08
CA ALA E 21 -19.91 7.96 13.84
C ALA E 21 -18.46 7.79 13.42
N ASN E 22 -17.59 7.35 14.33
CA ASN E 22 -16.17 7.24 14.05
C ASN E 22 -15.85 5.87 13.45
N PRO E 23 -15.51 5.80 12.17
CA PRO E 23 -15.15 4.50 11.58
C PRO E 23 -13.76 4.03 11.98
N ASN E 24 -12.92 4.88 12.54
CA ASN E 24 -11.55 4.53 12.91
C ASN E 24 -11.36 4.47 14.42
N ALA E 25 -12.35 3.95 15.14
CA ALA E 25 -12.24 3.72 16.58
C ALA E 25 -13.24 2.65 17.02
#